data_9JOG
#
_entry.id   9JOG
#
_cell.length_a   54.741
_cell.length_b   138.390
_cell.length_c   62.866
_cell.angle_alpha   90.00
_cell.angle_beta   113.66
_cell.angle_gamma   90.00
#
_symmetry.space_group_name_H-M   'P 1 21 1'
#
loop_
_entity.id
_entity.type
_entity.pdbx_description
1 polymer endo-1.3-fucanase
2 branched 2,4-di-O-sulfo-alpha-L-fucopyranose-(1-3)-alpha-L-fucopyranose-(1-3)-2-O-sulfo-alpha-L-fucopyranose-(1-3)-2-O-sulfo-alpha-L-fucopyranose
3 water water
#
_entity_poly.entity_id   1
_entity_poly.type   'polypeptide(L)'
_entity_poly.pdbx_seq_one_letter_code
;MGSSHHHHHHSSGLVPRGSHMASMTGGQQMGRGSSTKNGIIELEQETEEELEQNQEIDYSNYPEFSWDTMPLYMHVRKNT
AYTDEEINYLASFPLITLEKSQAQNTYGSTEEGTLATASAIKLKNNKAKVLYYRNVVINWGNYKNDDEFISKNPSALLKN
QNNELVYMPNGSTPFFDITKSFVQEYWLKSVEDMVATPNIDGTFIDANIKVLVPSFFSSKVGVNKQAEIENSYFSMMSRL
KESLSNNLILANIIRVRPEFEENGLEYLGYFNGSYLEGFDSEAFGMSNAEYLVEGIEATQKAAQSGKIITMTLGLGEAID
NNTGIDDQREDVDLNDEELNKRVDYLLAIFLICAEKYSYVYLHDGYLATNSAVWLHQFDQYKKALGAPLGKAIKNGYIYT
RKFENLDVWLNLETQTATLTWKE
;
_entity_poly.pdbx_strand_id   A,B
#
# COMPACT_ATOMS: atom_id res chain seq x y z
N LEU A 51 -30.81 4.89 -18.29
CA LEU A 51 -30.14 3.91 -17.45
C LEU A 51 -31.05 2.73 -17.13
N GLU A 52 -30.39 1.59 -16.95
CA GLU A 52 -31.07 0.33 -16.70
C GLU A 52 -31.99 0.44 -15.49
N GLN A 53 -33.24 0.03 -15.66
CA GLN A 53 -34.20 0.06 -14.55
C GLN A 53 -34.01 -1.16 -13.64
N ASN A 54 -34.48 -1.01 -12.41
CA ASN A 54 -34.41 -2.11 -11.46
C ASN A 54 -35.44 -3.18 -11.79
N GLN A 55 -35.03 -4.44 -11.64
CA GLN A 55 -35.93 -5.56 -11.82
C GLN A 55 -36.90 -5.69 -10.65
N GLU A 56 -38.07 -6.26 -10.91
CA GLU A 56 -38.96 -6.65 -9.82
C GLU A 56 -38.23 -7.55 -8.83
N ILE A 57 -38.45 -7.30 -7.53
CA ILE A 57 -37.65 -7.98 -6.51
C ILE A 57 -38.04 -9.44 -6.44
N ASP A 58 -37.04 -10.31 -6.52
CA ASP A 58 -37.21 -11.75 -6.37
C ASP A 58 -36.13 -12.19 -5.38
N TYR A 59 -36.53 -12.67 -4.22
CA TYR A 59 -35.60 -13.04 -3.17
C TYR A 59 -35.19 -14.50 -3.24
N SER A 60 -35.57 -15.22 -4.30
CA SER A 60 -35.34 -16.67 -4.36
C SER A 60 -33.89 -17.04 -4.11
N ASN A 61 -32.95 -16.25 -4.63
CA ASN A 61 -31.54 -16.63 -4.58
C ASN A 61 -30.75 -15.80 -3.58
N TYR A 62 -31.44 -15.10 -2.72
CA TYR A 62 -30.76 -14.26 -1.76
C TYR A 62 -30.16 -15.07 -0.61
N PRO A 63 -29.20 -14.50 0.09
CA PRO A 63 -28.61 -15.18 1.25
C PRO A 63 -29.60 -15.29 2.39
N GLU A 64 -29.25 -16.12 3.37
CA GLU A 64 -29.98 -16.11 4.63
C GLU A 64 -29.82 -14.76 5.30
N PHE A 65 -30.81 -14.40 6.11
CA PHE A 65 -30.78 -13.17 6.88
C PHE A 65 -31.58 -13.36 8.16
N SER A 66 -31.06 -12.85 9.26
CA SER A 66 -31.81 -12.75 10.50
C SER A 66 -31.44 -11.47 11.22
N TRP A 67 -32.41 -10.88 11.89
CA TRP A 67 -32.16 -9.76 12.79
C TRP A 67 -31.74 -10.21 14.18
N ASP A 68 -31.61 -11.51 14.44
CA ASP A 68 -31.43 -11.95 15.82
C ASP A 68 -30.16 -11.37 16.44
N THR A 69 -29.06 -11.37 15.67
CA THR A 69 -27.79 -10.77 16.05
C THR A 69 -27.25 -10.05 14.82
N MET A 70 -26.13 -9.35 14.95
CA MET A 70 -25.62 -8.53 13.87
C MET A 70 -25.50 -9.32 12.57
N PRO A 71 -26.05 -8.82 11.46
CA PRO A 71 -25.87 -9.49 10.16
C PRO A 71 -24.50 -9.15 9.59
N LEU A 72 -23.69 -10.18 9.34
CA LEU A 72 -22.28 -10.03 9.01
C LEU A 72 -21.93 -10.46 7.59
N TYR A 73 -20.97 -9.73 6.99
CA TYR A 73 -20.42 -9.98 5.67
C TYR A 73 -18.95 -10.33 5.79
N MET A 74 -18.48 -11.19 4.91
CA MET A 74 -17.05 -11.49 4.84
C MET A 74 -16.56 -11.27 3.41
N HIS A 75 -15.33 -10.76 3.31
CA HIS A 75 -14.73 -10.33 2.05
C HIS A 75 -13.24 -10.61 2.23
N VAL A 76 -12.69 -11.59 1.52
CA VAL A 76 -11.43 -12.17 1.98
C VAL A 76 -10.58 -12.76 0.88
N ARG A 77 -9.27 -12.70 1.08
CA ARG A 77 -8.30 -13.50 0.34
C ARG A 77 -7.23 -13.99 1.31
N LYS A 78 -6.48 -14.98 0.85
CA LYS A 78 -5.33 -15.57 1.54
C LYS A 78 -4.45 -16.16 0.44
N ASN A 79 -3.13 -16.08 0.58
CA ASN A 79 -2.27 -16.53 -0.52
C ASN A 79 -2.14 -18.05 -0.57
N THR A 80 -2.44 -18.73 0.52
CA THR A 80 -2.45 -20.19 0.60
C THR A 80 -3.82 -20.64 1.08
N ALA A 81 -4.05 -21.95 1.06
CA ALA A 81 -5.34 -22.49 1.45
C ALA A 81 -5.70 -22.12 2.88
N TYR A 82 -6.99 -21.92 3.11
CA TYR A 82 -7.52 -21.74 4.46
C TYR A 82 -7.36 -23.03 5.26
N THR A 83 -7.09 -22.88 6.55
CA THR A 83 -7.13 -24.04 7.44
C THR A 83 -8.57 -24.47 7.67
N ASP A 84 -8.75 -25.66 8.26
N ASP A 84 -8.74 -25.68 8.23
CA ASP A 84 -10.10 -26.12 8.55
CA ASP A 84 -10.08 -26.14 8.58
C ASP A 84 -10.81 -25.15 9.49
C ASP A 84 -10.79 -25.15 9.48
N GLU A 85 -10.10 -24.63 10.50
CA GLU A 85 -10.71 -23.64 11.39
C GLU A 85 -11.16 -22.41 10.60
N GLU A 86 -10.33 -21.96 9.65
CA GLU A 86 -10.69 -20.79 8.85
C GLU A 86 -11.89 -21.07 7.95
N ILE A 87 -11.96 -22.26 7.35
CA ILE A 87 -13.15 -22.61 6.57
C ILE A 87 -14.40 -22.58 7.43
N ASN A 88 -14.33 -23.11 8.66
CA ASN A 88 -15.49 -23.08 9.54
C ASN A 88 -15.90 -21.64 9.82
N TYR A 89 -14.92 -20.77 10.04
CA TYR A 89 -15.21 -19.34 10.23
C TYR A 89 -15.90 -18.76 9.00
N LEU A 90 -15.32 -18.95 7.82
CA LEU A 90 -15.95 -18.43 6.62
C LEU A 90 -17.38 -18.94 6.48
N ALA A 91 -17.61 -20.23 6.71
CA ALA A 91 -18.93 -20.83 6.52
C ALA A 91 -19.97 -20.32 7.51
N SER A 92 -19.56 -19.66 8.58
CA SER A 92 -20.47 -19.06 9.55
C SER A 92 -21.07 -17.74 9.06
N PHE A 93 -20.57 -17.17 7.95
CA PHE A 93 -21.11 -15.92 7.44
C PHE A 93 -22.18 -16.19 6.40
N PRO A 94 -23.23 -15.37 6.35
CA PRO A 94 -24.29 -15.64 5.36
C PRO A 94 -23.88 -15.30 3.94
N LEU A 95 -22.94 -14.37 3.77
CA LEU A 95 -22.52 -13.90 2.46
C LEU A 95 -21.03 -13.64 2.51
N ILE A 96 -20.30 -14.24 1.57
CA ILE A 96 -18.84 -14.21 1.52
C ILE A 96 -18.42 -13.86 0.10
N THR A 97 -17.59 -12.83 -0.07
CA THR A 97 -16.91 -12.58 -1.34
C THR A 97 -15.49 -13.10 -1.27
N LEU A 98 -15.12 -13.92 -2.24
CA LEU A 98 -13.75 -14.38 -2.41
C LEU A 98 -13.05 -13.41 -3.37
N GLU A 99 -12.06 -12.69 -2.84
CA GLU A 99 -11.27 -11.71 -3.56
C GLU A 99 -10.36 -12.36 -4.59
N LYS A 100 -9.72 -11.49 -5.34
CA LYS A 100 -8.64 -11.87 -6.21
C LYS A 100 -7.49 -12.45 -5.39
N SER A 101 -6.53 -13.05 -6.09
CA SER A 101 -5.42 -13.75 -5.42
C SER A 101 -5.94 -14.69 -4.35
N GLN A 102 -6.72 -15.66 -4.80
CA GLN A 102 -7.41 -16.58 -3.91
C GLN A 102 -6.64 -17.89 -3.83
N ALA A 103 -5.80 -18.00 -2.80
CA ALA A 103 -5.07 -19.23 -2.46
C ALA A 103 -4.19 -19.72 -3.60
N GLN A 104 -3.66 -18.80 -4.42
CA GLN A 104 -2.95 -19.19 -5.62
C GLN A 104 -1.60 -19.84 -5.34
N ASN A 105 -1.03 -19.63 -4.16
CA ASN A 105 0.24 -20.27 -3.85
C ASN A 105 0.06 -21.69 -3.35
N THR A 106 -1.17 -22.14 -3.12
CA THR A 106 -1.48 -23.54 -2.87
C THR A 106 -2.01 -24.21 -4.13
N TYR A 107 -2.95 -23.57 -4.83
CA TYR A 107 -3.68 -24.16 -5.94
C TYR A 107 -3.18 -23.71 -7.30
N GLY A 108 -2.15 -22.88 -7.36
CA GLY A 108 -1.55 -22.47 -8.61
C GLY A 108 -2.19 -21.27 -9.29
N SER A 109 -3.45 -20.97 -9.00
CA SER A 109 -4.19 -19.90 -9.66
C SER A 109 -5.36 -19.54 -8.78
N THR A 110 -5.86 -18.32 -8.99
CA THR A 110 -7.09 -17.90 -8.32
C THR A 110 -8.28 -18.72 -8.76
N GLU A 111 -8.34 -19.12 -10.03
CA GLU A 111 -9.49 -19.89 -10.46
C GLU A 111 -9.58 -21.20 -9.67
N GLU A 112 -8.47 -21.92 -9.56
CA GLU A 112 -8.48 -23.18 -8.80
C GLU A 112 -8.59 -22.96 -7.31
N GLY A 113 -7.96 -21.91 -6.78
CA GLY A 113 -8.08 -21.62 -5.36
C GLY A 113 -9.50 -21.26 -4.98
N THR A 114 -10.21 -20.56 -5.86
CA THR A 114 -11.60 -20.22 -5.62
C THR A 114 -12.46 -21.48 -5.57
N LEU A 115 -12.26 -22.37 -6.55
CA LEU A 115 -13.05 -23.61 -6.57
C LEU A 115 -12.83 -24.42 -5.31
N ALA A 116 -11.58 -24.52 -4.86
CA ALA A 116 -11.29 -25.33 -3.68
C ALA A 116 -11.85 -24.69 -2.41
N THR A 117 -11.74 -23.36 -2.30
CA THR A 117 -12.25 -22.70 -1.12
C THR A 117 -13.77 -22.80 -1.05
N ALA A 118 -14.44 -22.53 -2.19
CA ALA A 118 -15.90 -22.57 -2.20
C ALA A 118 -16.41 -23.97 -1.89
N SER A 119 -15.77 -25.01 -2.43
N SER A 119 -15.76 -25.01 -2.42
CA SER A 119 -16.19 -26.37 -2.13
CA SER A 119 -16.21 -26.37 -2.13
C SER A 119 -16.11 -26.61 -0.63
C SER A 119 -16.09 -26.67 -0.65
N ALA A 120 -14.99 -26.24 -0.03
CA ALA A 120 -14.81 -26.48 1.41
C ALA A 120 -15.83 -25.71 2.25
N ILE A 121 -16.13 -24.45 1.88
CA ILE A 121 -17.15 -23.69 2.61
C ILE A 121 -18.48 -24.41 2.53
N LYS A 122 -18.88 -24.82 1.32
CA LYS A 122 -20.20 -25.42 1.12
C LYS A 122 -20.35 -26.75 1.83
N LEU A 123 -19.27 -27.50 1.99
CA LEU A 123 -19.34 -28.75 2.73
C LEU A 123 -19.62 -28.51 4.21
N LYS A 124 -19.18 -27.36 4.74
CA LYS A 124 -19.47 -27.03 6.13
C LYS A 124 -20.84 -26.38 6.28
N ASN A 125 -21.23 -25.50 5.36
CA ASN A 125 -22.54 -24.84 5.44
C ASN A 125 -23.02 -24.56 4.02
N ASN A 126 -23.93 -25.38 3.51
CA ASN A 126 -24.36 -25.22 2.13
C ASN A 126 -25.28 -24.03 1.95
N LYS A 127 -25.71 -23.38 3.04
CA LYS A 127 -26.55 -22.20 2.95
C LYS A 127 -25.75 -20.92 2.80
N ALA A 128 -24.44 -20.94 3.09
CA ALA A 128 -23.61 -19.76 2.90
C ALA A 128 -23.56 -19.41 1.43
N LYS A 129 -23.70 -18.13 1.10
CA LYS A 129 -23.60 -17.68 -0.28
C LYS A 129 -22.20 -17.18 -0.56
N VAL A 130 -21.62 -17.66 -1.67
CA VAL A 130 -20.23 -17.39 -2.05
C VAL A 130 -20.20 -16.67 -3.38
N LEU A 131 -19.60 -15.49 -3.40
CA LEU A 131 -19.44 -14.69 -4.61
C LEU A 131 -17.99 -14.69 -5.09
N TYR A 132 -17.84 -14.69 -6.41
CA TYR A 132 -16.57 -14.62 -7.09
C TYR A 132 -16.27 -13.17 -7.48
N TYR A 133 -15.19 -12.63 -6.96
CA TYR A 133 -14.78 -11.27 -7.36
C TYR A 133 -14.39 -11.24 -8.83
N ARG A 134 -14.83 -10.19 -9.51
CA ARG A 134 -14.33 -9.93 -10.86
C ARG A 134 -14.24 -8.44 -11.09
N ASN A 135 -13.06 -7.99 -11.48
CA ASN A 135 -12.85 -6.60 -11.82
C ASN A 135 -13.19 -6.40 -13.30
N VAL A 136 -14.01 -5.39 -13.58
CA VAL A 136 -14.51 -5.19 -14.94
C VAL A 136 -13.49 -4.56 -15.86
N VAL A 137 -12.47 -3.88 -15.34
CA VAL A 137 -11.49 -3.21 -16.19
C VAL A 137 -10.04 -3.45 -15.81
N ILE A 138 -9.69 -3.78 -14.57
CA ILE A 138 -8.28 -3.86 -14.16
C ILE A 138 -7.81 -5.30 -14.29
N ASN A 139 -6.69 -5.50 -14.97
CA ASN A 139 -6.08 -6.81 -15.24
C ASN A 139 -5.12 -7.17 -14.10
N TRP A 140 -5.67 -7.41 -12.91
CA TRP A 140 -4.90 -7.87 -11.76
C TRP A 140 -4.30 -9.25 -12.00
N GLY A 141 -3.25 -9.54 -11.25
CA GLY A 141 -2.51 -10.78 -11.40
C GLY A 141 -3.20 -12.00 -10.82
N ASN A 142 -2.64 -13.18 -11.13
CA ASN A 142 -2.89 -14.50 -10.53
C ASN A 142 -4.12 -15.21 -11.08
N TYR A 143 -4.71 -14.72 -12.16
CA TYR A 143 -5.71 -15.47 -12.92
C TYR A 143 -4.99 -16.20 -14.05
N LYS A 144 -4.90 -17.53 -13.97
CA LYS A 144 -4.17 -18.27 -15.00
C LYS A 144 -4.79 -18.05 -16.37
N ASN A 145 -6.12 -18.00 -16.45
CA ASN A 145 -6.76 -17.87 -17.75
C ASN A 145 -6.57 -16.47 -18.32
N ASP A 146 -6.54 -15.45 -17.44
CA ASP A 146 -6.29 -14.11 -17.93
C ASP A 146 -4.85 -13.98 -18.44
N ASP A 147 -3.89 -14.55 -17.72
CA ASP A 147 -2.50 -14.49 -18.17
C ASP A 147 -2.35 -15.09 -19.55
N GLU A 148 -2.99 -16.23 -19.79
CA GLU A 148 -2.92 -16.86 -21.10
C GLU A 148 -3.60 -16.00 -22.16
N PHE A 149 -4.78 -15.47 -21.86
CA PHE A 149 -5.52 -14.64 -22.80
C PHE A 149 -4.74 -13.42 -23.21
N ILE A 150 -4.12 -12.72 -22.25
CA ILE A 150 -3.36 -11.52 -22.54
C ILE A 150 -2.07 -11.86 -23.27
N SER A 151 -1.42 -12.97 -22.89
N SER A 151 -1.41 -12.96 -22.88
CA SER A 151 -0.20 -13.38 -23.59
CA SER A 151 -0.20 -13.40 -23.58
C SER A 151 -0.48 -13.63 -25.06
C SER A 151 -0.48 -13.65 -25.04
N LYS A 152 -1.57 -14.34 -25.35
CA LYS A 152 -1.92 -14.69 -26.72
C LYS A 152 -2.53 -13.53 -27.49
N ASN A 153 -3.09 -12.53 -26.79
CA ASN A 153 -3.87 -11.47 -27.42
C ASN A 153 -3.49 -10.13 -26.81
N PRO A 154 -2.30 -9.63 -27.13
CA PRO A 154 -1.89 -8.33 -26.56
C PRO A 154 -2.79 -7.17 -26.91
N SER A 155 -3.57 -7.27 -28.00
CA SER A 155 -4.51 -6.23 -28.35
C SER A 155 -5.67 -6.12 -27.37
N ALA A 156 -5.77 -7.04 -26.41
CA ALA A 156 -6.83 -6.96 -25.42
C ALA A 156 -6.64 -5.85 -24.38
N LEU A 157 -5.46 -5.26 -24.28
CA LEU A 157 -5.19 -4.26 -23.26
C LEU A 157 -5.42 -2.84 -23.76
N LEU A 158 -5.77 -1.97 -22.83
CA LEU A 158 -6.18 -0.60 -23.12
C LEU A 158 -4.99 0.31 -23.39
N LYS A 159 -5.10 1.11 -24.45
CA LYS A 159 -4.07 2.06 -24.85
C LYS A 159 -4.66 3.46 -24.95
N ASN A 160 -3.80 4.45 -24.78
CA ASN A 160 -4.17 5.84 -24.97
C ASN A 160 -4.15 6.18 -26.45
N GLN A 161 -4.45 7.45 -26.75
CA GLN A 161 -4.60 7.88 -28.14
C GLN A 161 -3.26 7.91 -28.87
N ASN A 162 -2.15 7.87 -28.13
CA ASN A 162 -0.82 7.74 -28.69
C ASN A 162 -0.37 6.28 -28.76
N ASN A 163 -1.28 5.33 -28.61
CA ASN A 163 -0.98 3.90 -28.74
C ASN A 163 -0.07 3.38 -27.62
N GLU A 164 -0.09 3.98 -26.43
CA GLU A 164 0.69 3.50 -25.31
C GLU A 164 -0.20 2.82 -24.29
N LEU A 165 0.27 1.70 -23.74
CA LEU A 165 -0.44 1.05 -22.65
C LEU A 165 -0.53 2.00 -21.47
N VAL A 166 -1.69 1.98 -20.81
CA VAL A 166 -1.90 2.77 -19.60
C VAL A 166 -2.05 1.84 -18.40
N TYR A 167 -1.73 2.37 -17.22
CA TYR A 167 -1.54 1.53 -16.04
C TYR A 167 -2.16 2.14 -14.81
N MET A 168 -2.33 1.28 -13.81
CA MET A 168 -2.71 1.69 -12.48
C MET A 168 -1.51 2.40 -11.83
N PRO A 169 -1.67 2.95 -10.62
CA PRO A 169 -0.55 3.71 -10.01
C PRO A 169 0.71 2.92 -9.80
N ASN A 170 0.67 1.60 -9.74
CA ASN A 170 1.90 0.81 -9.63
C ASN A 170 2.71 0.81 -10.93
N GLY A 171 2.17 1.35 -12.02
CA GLY A 171 2.91 1.42 -13.26
C GLY A 171 3.09 0.11 -13.98
N SER A 172 2.43 -0.94 -13.54
CA SER A 172 2.60 -2.26 -14.16
C SER A 172 1.31 -3.03 -14.36
N THR A 173 0.25 -2.76 -13.61
CA THR A 173 -1.03 -3.45 -13.81
C THR A 173 -1.83 -2.68 -14.86
N PRO A 174 -2.14 -3.30 -16.01
CA PRO A 174 -2.88 -2.63 -17.08
C PRO A 174 -4.37 -2.88 -16.99
N PHE A 175 -5.12 -2.43 -18.00
CA PHE A 175 -6.57 -2.53 -18.05
C PHE A 175 -7.02 -3.31 -19.27
N PHE A 176 -8.11 -4.05 -19.11
CA PHE A 176 -8.77 -4.65 -20.26
C PHE A 176 -9.40 -3.55 -21.11
N ASP A 177 -9.21 -3.63 -22.44
CA ASP A 177 -9.96 -2.74 -23.33
C ASP A 177 -11.31 -3.38 -23.63
N ILE A 178 -12.28 -3.07 -22.78
CA ILE A 178 -13.59 -3.71 -22.88
C ILE A 178 -14.40 -3.17 -24.06
N THR A 179 -13.87 -2.19 -24.79
CA THR A 179 -14.58 -1.74 -25.99
C THR A 179 -14.47 -2.74 -27.13
N LYS A 180 -13.53 -3.67 -27.04
CA LYS A 180 -13.33 -4.67 -28.08
C LYS A 180 -14.23 -5.88 -27.85
N SER A 181 -14.92 -6.32 -28.90
CA SER A 181 -15.87 -7.41 -28.77
C SER A 181 -15.23 -8.66 -28.18
N PHE A 182 -14.01 -9.02 -28.63
CA PHE A 182 -13.45 -10.28 -28.16
C PHE A 182 -13.08 -10.21 -26.69
N VAL A 183 -12.78 -9.01 -26.18
CA VAL A 183 -12.50 -8.83 -24.76
C VAL A 183 -13.78 -8.97 -23.97
N GLN A 184 -14.86 -8.32 -24.43
CA GLN A 184 -16.15 -8.50 -23.78
C GLN A 184 -16.52 -9.97 -23.67
N GLU A 185 -16.38 -10.70 -24.77
CA GLU A 185 -16.79 -12.10 -24.77
C GLU A 185 -15.92 -12.94 -23.85
N TYR A 186 -14.61 -12.70 -23.85
CA TYR A 186 -13.73 -13.41 -22.93
C TYR A 186 -14.15 -13.14 -21.48
N TRP A 187 -14.36 -11.88 -21.15
CA TRP A 187 -14.61 -11.50 -19.77
C TRP A 187 -15.95 -12.06 -19.31
N LEU A 188 -16.99 -11.90 -20.13
CA LEU A 188 -18.31 -12.40 -19.77
C LEU A 188 -18.28 -13.90 -19.58
N LYS A 189 -17.64 -14.63 -20.49
CA LYS A 189 -17.56 -16.08 -20.35
C LYS A 189 -16.79 -16.47 -19.10
N SER A 190 -15.74 -15.73 -18.74
CA SER A 190 -14.99 -16.10 -17.54
C SER A 190 -15.88 -16.00 -16.30
N VAL A 191 -16.74 -14.99 -16.23
CA VAL A 191 -17.63 -14.84 -15.08
C VAL A 191 -18.70 -15.92 -15.11
N GLU A 192 -19.37 -16.07 -16.26
CA GLU A 192 -20.46 -17.04 -16.36
C GLU A 192 -19.96 -18.45 -16.07
N ASP A 193 -18.79 -18.81 -16.58
CA ASP A 193 -18.30 -20.17 -16.38
C ASP A 193 -18.01 -20.40 -14.90
N MET A 194 -17.44 -19.42 -14.19
CA MET A 194 -17.15 -19.64 -12.78
C MET A 194 -18.44 -19.69 -11.96
N VAL A 195 -19.38 -18.80 -12.24
CA VAL A 195 -20.62 -18.81 -11.48
C VAL A 195 -21.42 -20.09 -11.73
N ALA A 196 -21.27 -20.70 -12.92
CA ALA A 196 -22.03 -21.91 -13.20
C ALA A 196 -21.57 -23.12 -12.39
N THR A 197 -20.39 -23.05 -11.76
CA THR A 197 -19.90 -24.18 -10.97
C THR A 197 -20.73 -24.34 -9.69
N PRO A 198 -20.69 -25.52 -9.08
CA PRO A 198 -21.73 -25.83 -8.07
C PRO A 198 -21.64 -25.04 -6.79
N ASN A 199 -20.48 -24.55 -6.42
CA ASN A 199 -20.28 -23.96 -5.10
C ASN A 199 -20.17 -22.44 -5.14
N ILE A 200 -20.39 -21.83 -6.29
CA ILE A 200 -20.38 -20.38 -6.46
C ILE A 200 -21.79 -19.91 -6.74
N ASP A 201 -22.23 -18.91 -6.00
CA ASP A 201 -23.61 -18.43 -6.11
C ASP A 201 -23.75 -17.15 -6.91
N GLY A 202 -22.65 -16.46 -7.19
CA GLY A 202 -22.76 -15.20 -7.89
C GLY A 202 -21.40 -14.55 -8.01
N THR A 203 -21.44 -13.27 -8.35
CA THR A 203 -20.23 -12.53 -8.62
C THR A 203 -20.31 -11.17 -7.95
N PHE A 204 -19.14 -10.68 -7.55
CA PHE A 204 -18.91 -9.32 -7.06
C PHE A 204 -18.20 -8.55 -8.16
N ILE A 205 -18.91 -7.61 -8.78
CA ILE A 205 -18.32 -6.81 -9.85
C ILE A 205 -17.68 -5.57 -9.26
N ASP A 206 -16.40 -5.37 -9.57
CA ASP A 206 -15.61 -4.26 -9.07
C ASP A 206 -15.16 -3.35 -10.20
N ALA A 207 -14.93 -2.08 -9.82
CA ALA A 207 -14.40 -1.00 -10.65
C ALA A 207 -15.45 -0.32 -11.53
N ASN A 208 -16.72 -0.57 -11.24
CA ASN A 208 -17.81 0.17 -11.87
C ASN A 208 -17.57 1.66 -11.78
N ILE A 209 -17.08 2.14 -10.64
CA ILE A 209 -16.94 3.57 -10.42
C ILE A 209 -15.80 4.13 -11.27
N LYS A 210 -14.75 3.35 -11.52
CA LYS A 210 -13.68 3.79 -12.41
C LYS A 210 -14.18 3.97 -13.83
N VAL A 211 -15.12 3.13 -14.26
CA VAL A 211 -15.76 3.31 -15.56
C VAL A 211 -16.64 4.55 -15.56
N LEU A 212 -17.42 4.75 -14.51
CA LEU A 212 -18.53 5.70 -14.55
C LEU A 212 -18.18 7.11 -14.14
N VAL A 213 -17.07 7.33 -13.45
CA VAL A 213 -16.57 8.68 -13.16
C VAL A 213 -15.72 9.09 -14.35
N PRO A 214 -16.17 10.05 -15.17
CA PRO A 214 -15.50 10.24 -16.46
C PRO A 214 -14.03 10.54 -16.38
N SER A 215 -13.59 11.28 -15.36
CA SER A 215 -12.20 11.69 -15.34
C SER A 215 -11.24 10.53 -15.14
N PHE A 216 -11.69 9.40 -14.58
CA PHE A 216 -10.74 8.32 -14.32
C PHE A 216 -10.09 7.84 -15.61
N PHE A 217 -10.92 7.47 -16.59
CA PHE A 217 -10.36 7.07 -17.88
C PHE A 217 -10.11 8.24 -18.83
N SER A 218 -10.86 9.34 -18.75
N SER A 218 -10.86 9.34 -18.75
CA SER A 218 -10.58 10.39 -19.74
CA SER A 218 -10.62 10.44 -19.68
C SER A 218 -9.19 10.98 -19.54
C SER A 218 -9.21 10.98 -19.53
N SER A 219 -8.68 11.00 -18.30
CA SER A 219 -7.34 11.51 -18.02
C SER A 219 -6.26 10.55 -18.46
N LYS A 220 -6.61 9.34 -18.88
CA LYS A 220 -5.67 8.33 -19.35
C LYS A 220 -5.75 8.08 -20.84
N VAL A 221 -6.98 8.05 -21.39
CA VAL A 221 -7.19 7.60 -22.75
C VAL A 221 -8.06 8.54 -23.57
N GLY A 222 -8.48 9.66 -22.99
CA GLY A 222 -9.24 10.68 -23.67
C GLY A 222 -10.74 10.53 -23.49
N VAL A 223 -11.47 11.60 -23.85
CA VAL A 223 -12.91 11.71 -23.61
C VAL A 223 -13.69 10.69 -24.43
N ASN A 224 -13.35 10.54 -25.70
CA ASN A 224 -14.14 9.63 -26.52
C ASN A 224 -13.96 8.18 -26.10
N LYS A 225 -12.73 7.78 -25.80
CA LYS A 225 -12.49 6.40 -25.36
C LYS A 225 -13.18 6.13 -24.03
N GLN A 226 -13.22 7.11 -23.12
CA GLN A 226 -13.96 6.92 -21.88
C GLN A 226 -15.42 6.64 -22.16
N ALA A 227 -16.04 7.39 -23.08
CA ALA A 227 -17.44 7.16 -23.38
C ALA A 227 -17.66 5.78 -24.00
N GLU A 228 -16.70 5.33 -24.81
CA GLU A 228 -16.78 4.00 -25.41
C GLU A 228 -16.64 2.90 -24.37
N ILE A 229 -15.71 3.07 -23.42
CA ILE A 229 -15.58 2.13 -22.31
C ILE A 229 -16.89 2.04 -21.54
N GLU A 230 -17.51 3.19 -21.23
CA GLU A 230 -18.78 3.22 -20.52
C GLU A 230 -19.87 2.50 -21.31
N ASN A 231 -19.99 2.79 -22.61
CA ASN A 231 -21.01 2.11 -23.41
C ASN A 231 -20.84 0.59 -23.32
N SER A 232 -19.61 0.11 -23.45
CA SER A 232 -19.38 -1.33 -23.43
C SER A 232 -19.65 -1.91 -22.04
N TYR A 233 -19.31 -1.16 -20.98
CA TYR A 233 -19.62 -1.56 -19.62
C TYR A 233 -21.11 -1.81 -19.47
N PHE A 234 -21.94 -0.89 -19.94
CA PHE A 234 -23.39 -1.07 -19.80
C PHE A 234 -23.85 -2.32 -20.55
N SER A 235 -23.31 -2.56 -21.76
CA SER A 235 -23.65 -3.77 -22.52
C SER A 235 -23.30 -5.03 -21.74
N MET A 236 -22.13 -5.04 -21.12
CA MET A 236 -21.65 -6.21 -20.40
C MET A 236 -22.50 -6.43 -19.16
N MET A 237 -22.84 -5.37 -18.43
CA MET A 237 -23.75 -5.53 -17.30
C MET A 237 -25.12 -6.03 -17.68
N SER A 238 -25.64 -5.56 -18.82
CA SER A 238 -26.91 -6.07 -19.32
C SER A 238 -26.81 -7.56 -19.59
N ARG A 239 -25.70 -7.99 -20.18
CA ARG A 239 -25.51 -9.42 -20.44
C ARG A 239 -25.53 -10.22 -19.14
N LEU A 240 -24.79 -9.76 -18.12
CA LEU A 240 -24.77 -10.51 -16.86
C LEU A 240 -26.11 -10.47 -16.14
N LYS A 241 -26.82 -9.34 -16.20
CA LYS A 241 -28.12 -9.28 -15.54
C LYS A 241 -29.02 -10.40 -16.03
N GLU A 242 -28.95 -10.71 -17.33
CA GLU A 242 -29.72 -11.79 -17.90
C GLU A 242 -29.12 -13.17 -17.59
N SER A 243 -27.83 -13.36 -17.84
CA SER A 243 -27.29 -14.70 -17.70
C SER A 243 -27.19 -15.14 -16.24
N LEU A 244 -27.04 -14.20 -15.32
CA LEU A 244 -26.95 -14.50 -13.89
C LEU A 244 -28.25 -14.24 -13.16
N SER A 245 -29.39 -14.25 -13.88
CA SER A 245 -30.67 -13.97 -13.23
C SER A 245 -31.09 -15.02 -12.20
N ASN A 246 -30.52 -16.21 -12.22
CA ASN A 246 -30.75 -17.21 -11.18
C ASN A 246 -29.62 -17.27 -10.17
N ASN A 247 -28.82 -16.20 -10.11
CA ASN A 247 -27.65 -16.08 -9.25
C ASN A 247 -27.67 -14.68 -8.63
N LEU A 248 -26.60 -14.31 -7.93
CA LEU A 248 -26.46 -13.00 -7.33
C LEU A 248 -25.38 -12.17 -8.03
N ILE A 249 -25.65 -10.89 -8.18
CA ILE A 249 -24.68 -9.93 -8.67
C ILE A 249 -24.61 -8.78 -7.67
N LEU A 250 -23.47 -8.63 -7.02
CA LEU A 250 -23.21 -7.52 -6.11
C LEU A 250 -22.19 -6.62 -6.78
N ALA A 251 -22.35 -5.32 -6.65
CA ALA A 251 -21.41 -4.40 -7.28
C ALA A 251 -20.88 -3.35 -6.30
N ASN A 252 -19.63 -2.92 -6.51
CA ASN A 252 -19.04 -1.80 -5.77
C ASN A 252 -19.50 -0.53 -6.46
N ILE A 253 -20.66 0.00 -6.06
CA ILE A 253 -21.32 1.04 -6.85
C ILE A 253 -21.86 2.23 -6.06
N ILE A 254 -22.48 2.01 -4.89
CA ILE A 254 -22.97 3.17 -4.13
C ILE A 254 -21.79 3.89 -3.50
N ARG A 255 -21.72 5.21 -3.73
CA ARG A 255 -20.57 6.01 -3.37
C ARG A 255 -20.93 7.48 -3.53
N VAL A 256 -20.63 8.30 -2.52
CA VAL A 256 -20.81 9.74 -2.67
C VAL A 256 -19.85 10.22 -3.74
N ARG A 257 -20.39 10.81 -4.82
CA ARG A 257 -19.60 11.32 -5.94
C ARG A 257 -20.29 12.57 -6.46
N PRO A 258 -19.54 13.65 -6.72
CA PRO A 258 -20.19 14.81 -7.35
C PRO A 258 -20.74 14.47 -8.73
N GLU A 259 -20.16 13.50 -9.42
CA GLU A 259 -20.56 13.11 -10.75
C GLU A 259 -21.82 12.25 -10.78
N PHE A 260 -22.24 11.71 -9.64
CA PHE A 260 -23.38 10.82 -9.56
C PHE A 260 -24.53 11.59 -8.89
N GLU A 261 -25.53 11.99 -9.66
CA GLU A 261 -26.63 12.74 -9.07
C GLU A 261 -27.29 12.00 -7.91
N GLU A 262 -27.34 10.66 -7.98
CA GLU A 262 -27.96 9.87 -6.92
C GLU A 262 -26.95 9.00 -6.17
N ASN A 263 -25.66 9.34 -6.28
CA ASN A 263 -24.61 8.68 -5.49
C ASN A 263 -24.60 7.16 -5.70
N GLY A 264 -24.90 6.74 -6.92
CA GLY A 264 -24.82 5.34 -7.32
C GLY A 264 -26.15 4.64 -7.43
N LEU A 265 -27.21 5.18 -6.81
CA LEU A 265 -28.53 4.54 -6.88
C LEU A 265 -29.02 4.43 -8.32
N GLU A 266 -28.59 5.36 -9.18
CA GLU A 266 -29.05 5.36 -10.56
C GLU A 266 -28.44 4.23 -11.36
N TYR A 267 -27.44 3.53 -10.81
CA TYR A 267 -26.73 2.48 -11.52
C TYR A 267 -27.02 1.12 -10.95
N LEU A 268 -27.93 1.01 -10.00
CA LEU A 268 -28.19 -0.25 -9.33
C LEU A 268 -29.07 -1.19 -10.13
N GLY A 269 -29.58 -0.76 -11.28
CA GLY A 269 -30.57 -1.55 -12.00
C GLY A 269 -30.04 -2.89 -12.46
N TYR A 270 -28.73 -3.01 -12.62
CA TYR A 270 -28.16 -4.24 -13.11
C TYR A 270 -27.93 -5.25 -12.00
N PHE A 271 -28.04 -4.85 -10.74
CA PHE A 271 -27.44 -5.60 -9.63
C PHE A 271 -28.46 -5.96 -8.56
N ASN A 272 -28.19 -7.05 -7.83
CA ASN A 272 -28.99 -7.39 -6.67
C ASN A 272 -28.63 -6.55 -5.46
N GLY A 273 -27.50 -5.85 -5.48
CA GLY A 273 -27.17 -4.99 -4.35
C GLY A 273 -25.83 -4.32 -4.57
N SER A 274 -25.43 -3.57 -3.55
CA SER A 274 -24.15 -2.88 -3.57
C SER A 274 -23.32 -3.22 -2.35
N TYR A 275 -22.02 -3.35 -2.57
CA TYR A 275 -20.98 -3.21 -1.56
C TYR A 275 -20.63 -1.74 -1.40
N LEU A 276 -20.24 -1.36 -0.18
CA LEU A 276 -19.88 0.02 0.11
C LEU A 276 -18.47 0.06 0.67
N GLU A 277 -17.65 0.95 0.12
CA GLU A 277 -16.36 1.31 0.69
C GLU A 277 -16.17 2.81 0.53
N GLY A 278 -15.11 3.31 1.15
CA GLY A 278 -14.92 4.75 1.16
C GLY A 278 -16.02 5.48 1.89
N PHE A 279 -16.76 4.78 2.75
CA PHE A 279 -18.03 5.31 3.24
C PHE A 279 -17.84 6.43 4.24
N ASP A 280 -16.73 6.41 4.98
CA ASP A 280 -16.40 7.45 5.93
C ASP A 280 -15.15 8.22 5.55
N SER A 281 -14.76 8.19 4.27
N SER A 281 -14.76 8.19 4.27
CA SER A 281 -13.56 8.85 3.77
CA SER A 281 -13.56 8.85 3.77
C SER A 281 -13.99 10.01 2.88
C SER A 281 -13.99 10.01 2.89
N GLU A 282 -14.11 11.19 3.49
CA GLU A 282 -14.63 12.34 2.79
C GLU A 282 -13.67 12.86 1.71
N ALA A 283 -14.25 13.59 0.78
CA ALA A 283 -13.54 14.17 -0.36
C ALA A 283 -14.38 15.33 -0.89
N PHE A 284 -13.90 15.94 -1.97
CA PHE A 284 -14.64 16.95 -2.70
C PHE A 284 -14.90 18.20 -1.87
N GLY A 285 -14.06 18.44 -0.88
CA GLY A 285 -14.27 19.54 0.03
C GLY A 285 -15.39 19.37 1.04
N MET A 286 -16.04 18.21 1.06
CA MET A 286 -17.10 17.97 2.04
C MET A 286 -16.48 17.66 3.40
N SER A 287 -17.19 18.08 4.44
CA SER A 287 -16.80 17.63 5.77
C SER A 287 -17.12 16.15 5.92
N ASN A 288 -16.44 15.51 6.88
CA ASN A 288 -16.73 14.12 7.16
C ASN A 288 -18.22 13.91 7.44
N ALA A 289 -18.83 14.78 8.24
CA ALA A 289 -20.24 14.62 8.55
C ALA A 289 -21.12 14.80 7.32
N GLU A 290 -20.85 15.81 6.50
CA GLU A 290 -21.65 16.03 5.30
C GLU A 290 -21.59 14.83 4.37
N TYR A 291 -20.38 14.28 4.19
CA TYR A 291 -20.17 13.12 3.33
C TYR A 291 -20.92 11.89 3.84
N LEU A 292 -20.85 11.64 5.16
CA LEU A 292 -21.61 10.53 5.72
C LEU A 292 -23.12 10.76 5.61
N VAL A 293 -23.60 11.99 5.77
CA VAL A 293 -25.04 12.23 5.62
C VAL A 293 -25.51 11.75 4.24
N GLU A 294 -24.76 12.09 3.20
CA GLU A 294 -25.16 11.69 1.85
C GLU A 294 -25.05 10.18 1.67
N GLY A 295 -23.99 9.56 2.21
CA GLY A 295 -23.86 8.12 2.08
C GLY A 295 -24.96 7.38 2.81
N ILE A 296 -25.33 7.85 4.00
CA ILE A 296 -26.41 7.25 4.76
C ILE A 296 -27.72 7.32 4.00
N GLU A 297 -28.02 8.49 3.42
CA GLU A 297 -29.26 8.63 2.66
C GLU A 297 -29.31 7.65 1.50
N ALA A 298 -28.21 7.55 0.74
CA ALA A 298 -28.19 6.64 -0.40
C ALA A 298 -28.39 5.19 0.04
N THR A 299 -27.71 4.81 1.12
CA THR A 299 -27.77 3.43 1.60
C THR A 299 -29.17 3.09 2.13
N GLN A 300 -29.75 3.99 2.91
CA GLN A 300 -31.13 3.81 3.38
C GLN A 300 -32.08 3.58 2.20
N LYS A 301 -31.97 4.42 1.17
CA LYS A 301 -32.86 4.27 0.04
C LYS A 301 -32.66 2.94 -0.67
N ALA A 302 -31.40 2.56 -0.89
CA ALA A 302 -31.12 1.29 -1.55
C ALA A 302 -31.63 0.12 -0.72
N ALA A 303 -31.32 0.10 0.58
CA ALA A 303 -31.75 -0.99 1.44
C ALA A 303 -33.28 -1.08 1.49
N GLN A 304 -33.94 0.06 1.58
CA GLN A 304 -35.40 0.06 1.66
C GLN A 304 -36.03 -0.39 0.35
N SER A 305 -35.30 -0.29 -0.76
CA SER A 305 -35.77 -0.82 -2.04
C SER A 305 -35.59 -2.33 -2.17
N GLY A 306 -35.01 -3.00 -1.18
CA GLY A 306 -34.84 -4.44 -1.24
C GLY A 306 -33.52 -4.92 -1.80
N LYS A 307 -32.56 -4.02 -2.00
CA LYS A 307 -31.24 -4.37 -2.49
C LYS A 307 -30.37 -4.85 -1.34
N ILE A 308 -29.52 -5.84 -1.63
CA ILE A 308 -28.50 -6.26 -0.68
C ILE A 308 -27.52 -5.12 -0.47
N ILE A 309 -27.12 -4.91 0.78
CA ILE A 309 -26.09 -3.95 1.13
C ILE A 309 -25.02 -4.69 1.91
N THR A 310 -23.76 -4.55 1.49
CA THR A 310 -22.63 -5.06 2.27
C THR A 310 -21.74 -3.86 2.61
N MET A 311 -21.94 -3.32 3.79
CA MET A 311 -21.19 -2.18 4.26
C MET A 311 -19.86 -2.61 4.86
N THR A 312 -18.76 -2.12 4.27
CA THR A 312 -17.44 -2.32 4.85
C THR A 312 -16.96 -1.00 5.42
N LEU A 313 -16.35 -1.09 6.61
CA LEU A 313 -15.85 0.07 7.34
C LEU A 313 -14.53 -0.36 7.95
N GLY A 314 -13.50 0.46 7.76
CA GLY A 314 -12.16 0.11 8.25
C GLY A 314 -11.95 0.44 9.71
N LEU A 315 -11.36 -0.51 10.43
CA LEU A 315 -10.79 -0.32 11.76
C LEU A 315 -9.28 -0.15 11.74
N GLY A 316 -8.63 -0.21 10.57
CA GLY A 316 -7.17 -0.24 10.54
C GLY A 316 -6.52 0.90 11.29
N GLU A 317 -7.08 2.11 11.18
CA GLU A 317 -6.50 3.27 11.83
C GLU A 317 -6.65 3.21 13.35
N ALA A 318 -7.76 2.64 13.83
CA ALA A 318 -7.99 2.49 15.26
C ALA A 318 -7.16 1.37 15.86
N ILE A 319 -6.72 0.43 15.04
CA ILE A 319 -5.91 -0.71 15.50
C ILE A 319 -4.42 -0.40 15.43
N ASP A 320 -3.98 0.35 14.43
CA ASP A 320 -2.54 0.55 14.25
C ASP A 320 -1.91 1.10 15.52
N ASN A 321 -0.73 0.59 15.84
CA ASN A 321 -0.03 0.90 17.09
C ASN A 321 1.44 1.21 16.85
N ASN A 322 1.80 1.63 15.64
CA ASN A 322 3.18 1.99 15.30
C ASN A 322 4.14 0.83 15.53
N THR A 323 3.73 -0.37 15.10
CA THR A 323 4.59 -1.54 15.14
C THR A 323 4.30 -2.41 13.93
N GLY A 324 5.23 -3.29 13.58
CA GLY A 324 5.04 -4.27 12.55
C GLY A 324 5.85 -4.06 11.28
N ILE A 325 6.54 -2.94 11.14
CA ILE A 325 7.33 -2.66 9.93
C ILE A 325 8.73 -3.25 10.05
N ASP A 326 9.45 -2.87 11.11
CA ASP A 326 10.78 -3.38 11.39
C ASP A 326 10.84 -4.10 12.73
N ASP A 327 9.69 -4.38 13.34
CA ASP A 327 9.59 -5.07 14.61
C ASP A 327 8.33 -5.93 14.57
N GLN A 328 8.16 -6.77 15.58
CA GLN A 328 6.93 -7.55 15.67
C GLN A 328 5.73 -6.62 15.80
N ARG A 329 4.68 -6.94 15.05
CA ARG A 329 3.39 -6.26 15.26
C ARG A 329 2.83 -6.63 16.62
N GLU A 330 2.66 -5.61 17.46
CA GLU A 330 2.21 -5.85 18.82
C GLU A 330 0.77 -6.36 18.79
N ASP A 331 0.50 -7.37 19.61
CA ASP A 331 -0.84 -7.94 19.67
C ASP A 331 -1.84 -6.88 20.10
N VAL A 332 -2.97 -6.84 19.42
CA VAL A 332 -4.01 -5.87 19.69
C VAL A 332 -4.91 -6.40 20.80
N ASP A 333 -5.22 -5.54 21.78
CA ASP A 333 -6.22 -5.86 22.79
C ASP A 333 -7.61 -5.63 22.18
N LEU A 334 -8.24 -6.70 21.73
CA LEU A 334 -9.54 -6.55 21.10
C LEU A 334 -10.65 -6.23 22.09
N ASN A 335 -10.38 -6.31 23.39
CA ASN A 335 -11.30 -5.84 24.41
C ASN A 335 -11.04 -4.40 24.84
N ASP A 336 -10.07 -3.72 24.22
CA ASP A 336 -9.76 -2.36 24.59
C ASP A 336 -10.99 -1.47 24.54
N GLU A 337 -11.14 -0.62 25.56
CA GLU A 337 -12.33 0.22 25.68
C GLU A 337 -12.46 1.19 24.52
N GLU A 338 -11.36 1.85 24.15
CA GLU A 338 -11.43 2.82 23.06
C GLU A 338 -11.69 2.13 21.73
N LEU A 339 -11.07 0.97 21.48
CA LEU A 339 -11.37 0.26 20.25
C LEU A 339 -12.85 -0.10 20.20
N ASN A 340 -13.42 -0.52 21.33
CA ASN A 340 -14.82 -0.92 21.33
C ASN A 340 -15.76 0.27 21.17
N LYS A 341 -15.36 1.47 21.61
CA LYS A 341 -16.11 2.67 21.27
C LYS A 341 -16.13 2.92 19.76
N ARG A 342 -15.00 2.65 19.08
CA ARG A 342 -14.96 2.79 17.64
C ARG A 342 -15.85 1.74 16.96
N VAL A 343 -15.82 0.50 17.46
CA VAL A 343 -16.71 -0.53 16.94
C VAL A 343 -18.16 -0.10 17.09
N ASP A 344 -18.52 0.42 18.28
CA ASP A 344 -19.88 0.89 18.48
C ASP A 344 -20.26 1.97 17.46
N TYR A 345 -19.35 2.92 17.23
CA TYR A 345 -19.61 4.02 16.30
C TYR A 345 -19.85 3.50 14.88
N LEU A 346 -18.96 2.63 14.40
CA LEU A 346 -19.10 2.13 13.04
C LEU A 346 -20.34 1.27 12.90
N LEU A 347 -20.63 0.44 13.90
CA LEU A 347 -21.87 -0.34 13.86
C LEU A 347 -23.09 0.56 13.91
N ALA A 348 -23.03 1.67 14.65
CA ALA A 348 -24.16 2.58 14.68
C ALA A 348 -24.43 3.17 13.31
N ILE A 349 -23.38 3.53 12.57
CA ILE A 349 -23.59 4.02 11.21
C ILE A 349 -24.32 2.97 10.38
N PHE A 350 -23.84 1.71 10.46
CA PHE A 350 -24.48 0.61 9.74
C PHE A 350 -25.94 0.46 10.15
N LEU A 351 -26.21 0.44 11.48
CA LEU A 351 -27.57 0.16 11.96
C LEU A 351 -28.54 1.29 11.64
N ILE A 352 -28.06 2.52 11.52
CA ILE A 352 -28.90 3.64 11.08
C ILE A 352 -29.40 3.43 9.66
N CYS A 353 -28.69 2.62 8.85
CA CYS A 353 -29.06 2.39 7.46
C CYS A 353 -29.76 1.08 7.21
N ALA A 354 -29.51 0.06 8.03
CA ALA A 354 -29.78 -1.33 7.67
C ALA A 354 -31.26 -1.63 7.45
N GLU A 355 -31.50 -2.54 6.51
CA GLU A 355 -32.78 -3.22 6.32
C GLU A 355 -32.50 -4.71 6.14
N LYS A 356 -33.54 -5.50 5.95
CA LYS A 356 -33.37 -6.88 5.56
C LYS A 356 -32.37 -6.95 4.41
N TYR A 357 -31.39 -7.86 4.52
CA TYR A 357 -30.34 -8.10 3.52
C TYR A 357 -29.24 -7.05 3.54
N SER A 358 -29.11 -6.31 4.65
CA SER A 358 -27.95 -5.48 4.91
C SER A 358 -27.01 -6.23 5.85
N TYR A 359 -25.71 -6.19 5.52
CA TYR A 359 -24.67 -6.90 6.26
C TYR A 359 -23.46 -6.00 6.42
N VAL A 360 -22.71 -6.18 7.51
CA VAL A 360 -21.58 -5.31 7.83
C VAL A 360 -20.28 -6.10 8.02
N TYR A 361 -19.17 -5.46 7.65
CA TYR A 361 -17.82 -5.98 7.93
C TYR A 361 -16.95 -4.84 8.40
N LEU A 362 -16.54 -4.89 9.66
CA LEU A 362 -15.53 -3.99 10.22
C LEU A 362 -14.19 -4.69 10.11
N HIS A 363 -13.30 -4.15 9.26
CA HIS A 363 -12.15 -4.94 8.84
C HIS A 363 -10.83 -4.27 9.13
N ASP A 364 -9.78 -5.09 9.04
CA ASP A 364 -8.39 -4.64 9.02
C ASP A 364 -7.74 -5.15 7.75
N GLY A 365 -8.33 -4.82 6.61
CA GLY A 365 -7.89 -5.26 5.31
C GLY A 365 -8.49 -6.61 4.95
N TYR A 366 -8.45 -6.93 3.66
CA TYR A 366 -9.10 -8.16 3.20
C TYR A 366 -8.16 -9.37 3.16
N LEU A 367 -6.86 -9.18 3.31
CA LEU A 367 -5.93 -10.30 3.39
C LEU A 367 -5.98 -10.90 4.80
N ALA A 368 -6.40 -12.16 4.89
CA ALA A 368 -6.66 -12.78 6.19
C ALA A 368 -5.43 -12.76 7.08
N THR A 369 -4.26 -13.04 6.52
CA THR A 369 -3.05 -13.24 7.30
C THR A 369 -2.43 -11.94 7.80
N ASN A 370 -2.98 -10.79 7.40
CA ASN A 370 -2.48 -9.51 7.86
C ASN A 370 -3.56 -8.71 8.59
N SER A 371 -4.67 -9.34 8.97
CA SER A 371 -5.76 -8.67 9.64
C SER A 371 -5.78 -9.03 11.13
N ALA A 372 -5.82 -7.99 11.97
CA ALA A 372 -5.88 -8.21 13.42
C ALA A 372 -7.23 -8.70 13.87
N VAL A 373 -8.28 -8.60 13.05
CA VAL A 373 -9.60 -9.07 13.42
C VAL A 373 -9.95 -10.40 12.80
N TRP A 374 -9.05 -11.00 12.03
CA TRP A 374 -9.32 -12.29 11.45
C TRP A 374 -9.66 -13.29 12.55
N LEU A 375 -10.74 -14.05 12.35
CA LEU A 375 -11.25 -15.07 13.25
C LEU A 375 -11.93 -14.50 14.49
N HIS A 376 -12.04 -13.19 14.63
CA HIS A 376 -12.54 -12.60 15.86
C HIS A 376 -14.01 -12.23 15.76
N GLN A 377 -14.73 -12.45 16.85
CA GLN A 377 -16.12 -11.99 16.95
C GLN A 377 -16.18 -10.99 18.11
N PHE A 378 -16.45 -9.74 17.77
CA PHE A 378 -16.66 -8.71 18.78
C PHE A 378 -17.93 -9.03 19.58
N ASP A 379 -17.94 -8.56 20.83
CA ASP A 379 -19.10 -8.85 21.68
C ASP A 379 -20.37 -8.28 21.05
N GLN A 380 -20.25 -7.17 20.34
CA GLN A 380 -21.38 -6.51 19.69
C GLN A 380 -22.00 -7.38 18.62
N TYR A 381 -21.28 -8.42 18.16
CA TYR A 381 -21.83 -9.32 17.16
C TYR A 381 -22.62 -10.46 17.79
N LYS A 382 -22.49 -10.68 19.10
CA LYS A 382 -23.15 -11.80 19.76
C LYS A 382 -24.41 -11.38 20.50
N LYS A 383 -24.54 -10.11 20.85
CA LYS A 383 -25.67 -9.64 21.62
C LYS A 383 -26.94 -9.59 20.78
N ALA A 384 -28.08 -9.78 21.46
CA ALA A 384 -29.38 -9.76 20.79
C ALA A 384 -29.63 -8.38 20.20
N LEU A 385 -29.98 -8.38 18.92
CA LEU A 385 -30.22 -7.15 18.19
C LEU A 385 -31.73 -6.96 18.02
N GLY A 386 -32.37 -7.85 17.28
CA GLY A 386 -33.79 -7.76 17.02
C GLY A 386 -34.11 -6.86 15.83
N ALA A 387 -35.32 -7.01 15.30
CA ALA A 387 -35.71 -6.25 14.13
C ALA A 387 -35.92 -4.77 14.49
N PRO A 388 -35.76 -3.88 13.52
CA PRO A 388 -36.01 -2.45 13.79
C PRO A 388 -37.46 -2.24 14.21
N LEU A 389 -37.65 -1.26 15.10
CA LEU A 389 -38.97 -0.78 15.48
C LEU A 389 -39.35 0.46 14.72
N GLY A 390 -38.43 1.02 13.95
CA GLY A 390 -38.76 2.06 13.01
C GLY A 390 -37.50 2.47 12.28
N LYS A 391 -37.71 3.35 11.31
CA LYS A 391 -36.59 3.96 10.61
C LYS A 391 -35.79 4.85 11.55
N ALA A 392 -34.55 5.12 11.17
CA ALA A 392 -33.74 6.07 11.90
C ALA A 392 -34.42 7.45 11.87
N ILE A 393 -34.21 8.20 12.95
CA ILE A 393 -34.63 9.59 13.04
C ILE A 393 -33.40 10.46 12.98
N LYS A 394 -33.40 11.43 12.07
CA LYS A 394 -32.28 12.33 11.84
C LYS A 394 -32.64 13.71 12.37
N ASN A 395 -31.74 14.26 13.19
CA ASN A 395 -31.85 15.63 13.69
C ASN A 395 -30.45 16.25 13.54
N GLY A 396 -30.26 16.99 12.47
CA GLY A 396 -28.93 17.49 12.18
C GLY A 396 -27.99 16.33 11.91
N TYR A 397 -26.87 16.27 12.62
CA TYR A 397 -25.90 15.20 12.48
C TYR A 397 -26.12 14.10 13.52
N ILE A 398 -27.21 14.17 14.27
CA ILE A 398 -27.53 13.16 15.28
C ILE A 398 -28.63 12.26 14.73
N TYR A 399 -28.40 10.95 14.81
CA TYR A 399 -29.38 9.96 14.37
C TYR A 399 -29.68 9.02 15.52
N THR A 400 -30.95 8.59 15.62
CA THR A 400 -31.32 7.55 16.56
C THR A 400 -32.11 6.46 15.85
N ARG A 401 -32.07 5.25 16.40
CA ARG A 401 -32.91 4.20 15.86
C ARG A 401 -33.16 3.17 16.94
N LYS A 402 -34.38 2.64 16.98
CA LYS A 402 -34.74 1.60 17.93
C LYS A 402 -34.93 0.25 17.24
N PHE A 403 -34.37 -0.77 17.87
CA PHE A 403 -34.52 -2.18 17.53
C PHE A 403 -35.14 -2.89 18.73
N GLU A 404 -35.64 -4.11 18.50
CA GLU A 404 -36.33 -4.82 19.57
C GLU A 404 -35.45 -4.95 20.81
N ASN A 405 -34.15 -5.16 20.64
CA ASN A 405 -33.24 -5.37 21.77
C ASN A 405 -32.09 -4.38 21.82
N LEU A 406 -32.21 -3.22 21.17
CA LEU A 406 -31.10 -2.27 21.12
C LEU A 406 -31.61 -0.88 20.78
N ASP A 407 -31.08 0.13 21.46
CA ASP A 407 -31.28 1.53 21.09
C ASP A 407 -29.95 2.10 20.60
N VAL A 408 -30.00 2.79 19.47
CA VAL A 408 -28.82 3.37 18.83
C VAL A 408 -28.91 4.88 18.90
N TRP A 409 -27.82 5.53 19.33
CA TRP A 409 -27.65 6.97 19.22
C TRP A 409 -26.32 7.21 18.53
N LEU A 410 -26.30 8.12 17.55
CA LEU A 410 -25.13 8.40 16.71
C LEU A 410 -24.97 9.90 16.52
N ASN A 411 -23.76 10.40 16.73
CA ASN A 411 -23.43 11.80 16.43
C ASN A 411 -22.26 11.83 15.45
N LEU A 412 -22.55 12.21 14.20
CA LEU A 412 -21.50 12.22 13.19
C LEU A 412 -20.47 13.32 13.45
N GLU A 413 -20.88 14.43 14.05
CA GLU A 413 -19.95 15.54 14.28
C GLU A 413 -18.83 15.14 15.24
N THR A 414 -19.19 14.53 16.38
CA THR A 414 -18.21 14.09 17.36
C THR A 414 -17.68 12.71 17.08
N GLN A 415 -18.21 12.02 16.06
CA GLN A 415 -17.79 10.66 15.74
C GLN A 415 -17.94 9.74 16.95
N THR A 416 -19.09 9.84 17.61
CA THR A 416 -19.39 9.03 18.78
C THR A 416 -20.76 8.40 18.63
N ALA A 417 -20.95 7.29 19.34
CA ALA A 417 -22.23 6.61 19.36
C ALA A 417 -22.41 5.88 20.69
N THR A 418 -23.66 5.59 21.03
CA THR A 418 -23.95 4.67 22.12
C THR A 418 -24.86 3.57 21.60
N LEU A 419 -24.55 2.34 22.00
CA LEU A 419 -25.38 1.18 21.74
C LEU A 419 -25.88 0.71 23.10
N THR A 420 -27.18 0.89 23.36
CA THR A 420 -27.78 0.49 24.63
C THR A 420 -28.51 -0.82 24.40
N TRP A 421 -27.86 -1.92 24.74
CA TRP A 421 -28.43 -3.24 24.54
C TRP A 421 -29.44 -3.54 25.63
N LYS A 422 -30.57 -4.14 25.22
CA LYS A 422 -31.65 -4.46 26.14
C LYS A 422 -31.60 -5.97 26.36
N ILE B 57 39.66 7.03 7.69
CA ILE B 57 38.68 7.62 6.78
C ILE B 57 39.26 7.93 5.39
N ASP B 58 39.05 7.00 4.47
CA ASP B 58 39.49 7.14 3.08
C ASP B 58 38.31 7.69 2.29
N TYR B 59 38.49 8.88 1.73
CA TYR B 59 37.46 9.56 0.95
C TYR B 59 37.59 9.33 -0.55
N SER B 60 38.54 8.51 -0.98
CA SER B 60 38.88 8.44 -2.40
C SER B 60 37.73 7.95 -3.26
N ASN B 61 36.78 7.21 -2.70
CA ASN B 61 35.67 6.66 -3.46
C ASN B 61 34.37 7.40 -3.21
N TYR B 62 34.41 8.51 -2.51
CA TYR B 62 33.19 9.21 -2.16
C TYR B 62 32.64 9.98 -3.36
N PRO B 63 31.36 10.35 -3.31
CA PRO B 63 30.77 11.14 -4.39
C PRO B 63 31.29 12.57 -4.37
N GLU B 64 30.99 13.28 -5.45
CA GLU B 64 31.19 14.72 -5.46
C GLU B 64 30.32 15.37 -4.40
N PHE B 65 30.75 16.52 -3.91
CA PHE B 65 29.98 17.27 -2.95
C PHE B 65 30.30 18.76 -3.10
N SER B 66 29.26 19.58 -3.08
CA SER B 66 29.43 21.03 -3.03
C SER B 66 28.36 21.62 -2.14
N TRP B 67 28.74 22.63 -1.35
CA TRP B 67 27.80 23.45 -0.62
C TRP B 67 27.15 24.55 -1.46
N ASP B 68 27.53 24.70 -2.74
CA ASP B 68 27.08 25.86 -3.50
C ASP B 68 25.56 25.98 -3.50
N THR B 69 24.86 24.85 -3.71
CA THR B 69 23.42 24.76 -3.65
C THR B 69 23.09 23.46 -2.92
N MET B 70 21.80 23.25 -2.62
CA MET B 70 21.41 22.01 -1.94
C MET B 70 22.05 20.74 -2.43
N PRO B 71 22.70 19.96 -1.56
CA PRO B 71 23.24 18.66 -1.97
C PRO B 71 22.12 17.62 -2.00
N LEU B 72 21.90 17.03 -3.17
CA LEU B 72 20.72 16.21 -3.40
C LEU B 72 21.06 14.74 -3.62
N TYR B 73 20.15 13.88 -3.15
CA TYR B 73 20.20 12.43 -3.31
C TYR B 73 19.02 11.98 -4.17
N MET B 74 19.24 10.93 -4.97
CA MET B 74 18.13 10.34 -5.72
C MET B 74 18.09 8.83 -5.41
N HIS B 75 16.88 8.30 -5.34
CA HIS B 75 16.63 6.93 -4.89
C HIS B 75 15.39 6.50 -5.68
N VAL B 76 15.53 5.57 -6.63
CA VAL B 76 14.53 5.50 -7.69
C VAL B 76 14.41 4.11 -8.33
N ARG B 77 13.19 3.82 -8.78
CA ARG B 77 12.92 2.72 -9.70
C ARG B 77 11.85 3.17 -10.70
N LYS B 78 11.75 2.39 -11.77
CA LYS B 78 10.77 2.57 -12.84
C LYS B 78 10.61 1.19 -13.47
N ASN B 79 9.40 0.83 -13.88
CA ASN B 79 9.22 -0.52 -14.41
C ASN B 79 9.78 -0.71 -15.81
N THR B 80 9.99 0.36 -16.54
CA THR B 80 10.55 0.34 -17.88
C THR B 80 11.72 1.32 -17.91
N ALA B 81 12.44 1.32 -19.02
CA ALA B 81 13.62 2.14 -19.16
C ALA B 81 13.31 3.62 -18.95
N TYR B 82 14.27 4.34 -18.38
CA TYR B 82 14.18 5.79 -18.31
C TYR B 82 14.29 6.40 -19.71
N THR B 83 13.60 7.51 -19.91
CA THR B 83 13.77 8.27 -21.14
C THR B 83 15.12 9.00 -21.09
N ASP B 84 15.53 9.55 -22.24
N ASP B 84 15.54 9.56 -22.22
CA ASP B 84 16.76 10.33 -22.26
CA ASP B 84 16.79 10.32 -22.23
C ASP B 84 16.70 11.48 -21.25
C ASP B 84 16.72 11.49 -21.26
N GLU B 85 15.57 12.19 -21.22
CA GLU B 85 15.42 13.29 -20.27
C GLU B 85 15.57 12.79 -18.84
N GLU B 86 15.01 11.62 -18.53
CA GLU B 86 15.12 11.06 -17.19
C GLU B 86 16.54 10.65 -16.86
N ILE B 87 17.28 10.07 -17.83
CA ILE B 87 18.68 9.76 -17.60
C ILE B 87 19.47 11.02 -17.30
N ASN B 88 19.20 12.10 -18.04
CA ASN B 88 19.90 13.35 -17.77
C ASN B 88 19.60 13.85 -16.36
N TYR B 89 18.33 13.73 -15.94
CA TYR B 89 17.98 14.12 -14.58
C TYR B 89 18.74 13.28 -13.57
N LEU B 90 18.73 11.95 -13.73
CA LEU B 90 19.48 11.11 -12.79
C LEU B 90 20.95 11.50 -12.74
N ALA B 91 21.56 11.76 -13.90
CA ALA B 91 22.99 12.05 -13.97
C ALA B 91 23.35 13.38 -13.32
N SER B 92 22.36 14.23 -13.05
CA SER B 92 22.60 15.51 -12.39
C SER B 92 22.74 15.38 -10.88
N PHE B 93 22.46 14.20 -10.30
CA PHE B 93 22.59 14.02 -8.87
C PHE B 93 23.97 13.45 -8.55
N PRO B 94 24.58 13.87 -7.44
CA PRO B 94 25.91 13.31 -7.10
C PRO B 94 25.86 11.86 -6.67
N LEU B 95 24.74 11.39 -6.13
CA LEU B 95 24.63 10.05 -5.56
C LEU B 95 23.23 9.54 -5.85
N ILE B 96 23.15 8.38 -6.47
CA ILE B 96 21.89 7.78 -6.92
C ILE B 96 21.87 6.33 -6.46
N THR B 97 20.79 5.92 -5.78
CA THR B 97 20.52 4.50 -5.52
C THR B 97 19.48 4.01 -6.50
N LEU B 98 19.81 2.94 -7.22
CA LEU B 98 18.86 2.24 -8.06
C LEU B 98 18.21 1.14 -7.24
N GLU B 99 16.90 1.28 -7.01
CA GLU B 99 16.10 0.37 -6.23
C GLU B 99 15.89 -0.95 -6.95
N LYS B 100 15.28 -1.89 -6.22
CA LYS B 100 14.76 -3.12 -6.77
C LYS B 100 13.73 -2.79 -7.86
N SER B 101 13.37 -3.82 -8.64
CA SER B 101 12.48 -3.68 -9.78
C SER B 101 12.94 -2.53 -10.69
N GLN B 102 14.14 -2.72 -11.22
CA GLN B 102 14.83 -1.67 -11.99
C GLN B 102 14.67 -1.93 -13.47
N ALA B 103 13.65 -1.30 -14.06
CA ALA B 103 13.40 -1.36 -15.51
C ALA B 103 13.26 -2.78 -16.03
N GLN B 104 12.70 -3.66 -15.20
CA GLN B 104 12.66 -5.08 -15.54
C GLN B 104 11.71 -5.40 -16.68
N ASN B 105 10.74 -4.53 -16.95
CA ASN B 105 9.81 -4.79 -18.04
C ASN B 105 10.33 -4.31 -19.38
N THR B 106 11.51 -3.68 -19.41
CA THR B 106 12.24 -3.43 -20.64
C THR B 106 13.39 -4.40 -20.82
N TYR B 107 14.15 -4.68 -19.77
CA TYR B 107 15.40 -5.43 -19.86
C TYR B 107 15.28 -6.86 -19.38
N GLY B 108 14.10 -7.27 -18.92
CA GLY B 108 13.85 -8.63 -18.51
C GLY B 108 14.15 -8.96 -17.06
N SER B 109 14.89 -8.11 -16.37
CA SER B 109 15.32 -8.38 -15.01
C SER B 109 15.87 -7.10 -14.41
N THR B 110 15.87 -7.04 -13.09
CA THR B 110 16.51 -5.92 -12.39
C THR B 110 18.01 -5.92 -12.64
N GLU B 111 18.64 -7.09 -12.73
CA GLU B 111 20.08 -7.11 -12.94
C GLU B 111 20.44 -6.41 -14.25
N GLU B 112 19.75 -6.76 -15.33
CA GLU B 112 20.09 -6.15 -16.61
C GLU B 112 19.54 -4.73 -16.72
N GLY B 113 18.40 -4.43 -16.10
CA GLY B 113 17.93 -3.05 -16.10
C GLY B 113 18.83 -2.11 -15.33
N THR B 114 19.42 -2.60 -14.24
CA THR B 114 20.41 -1.83 -13.49
C THR B 114 21.63 -1.56 -14.34
N LEU B 115 22.15 -2.59 -15.02
CA LEU B 115 23.33 -2.40 -15.85
C LEU B 115 23.07 -1.40 -16.97
N ALA B 116 21.91 -1.47 -17.60
CA ALA B 116 21.61 -0.56 -18.70
C ALA B 116 21.47 0.87 -18.19
N THR B 117 20.78 1.03 -17.08
CA THR B 117 20.53 2.36 -16.54
C THR B 117 21.83 2.99 -16.09
N ALA B 118 22.66 2.23 -15.36
CA ALA B 118 23.91 2.76 -14.88
C ALA B 118 24.82 3.15 -16.03
N SER B 119 24.86 2.34 -17.09
CA SER B 119 25.74 2.66 -18.21
C SER B 119 25.30 3.98 -18.84
N ALA B 120 24.00 4.18 -18.98
CA ALA B 120 23.49 5.40 -19.59
C ALA B 120 23.75 6.63 -18.72
N ILE B 121 23.57 6.49 -17.40
CA ILE B 121 23.86 7.60 -16.47
C ILE B 121 25.32 7.99 -16.60
N LYS B 122 26.22 7.01 -16.54
CA LYS B 122 27.65 7.31 -16.56
C LYS B 122 28.07 7.93 -17.89
N LEU B 123 27.41 7.58 -18.97
CA LEU B 123 27.74 8.21 -20.25
C LEU B 123 27.43 9.70 -20.24
N LYS B 124 26.36 10.10 -19.53
CA LYS B 124 26.00 11.51 -19.43
C LYS B 124 26.84 12.23 -18.38
N ASN B 125 27.17 11.57 -17.26
CA ASN B 125 27.99 12.19 -16.23
C ASN B 125 28.78 11.09 -15.53
N ASN B 126 30.06 10.94 -15.87
CA ASN B 126 30.78 9.82 -15.31
C ASN B 126 31.16 10.04 -13.85
N LYS B 127 30.95 11.24 -13.32
CA LYS B 127 31.24 11.54 -11.92
C LYS B 127 30.08 11.20 -10.99
N ALA B 128 28.87 10.97 -11.51
CA ALA B 128 27.74 10.55 -10.68
C ALA B 128 28.07 9.19 -10.06
N LYS B 129 27.78 9.03 -8.78
CA LYS B 129 27.96 7.73 -8.11
C LYS B 129 26.64 6.98 -8.10
N VAL B 130 26.69 5.71 -8.50
CA VAL B 130 25.49 4.89 -8.66
C VAL B 130 25.62 3.67 -7.74
N LEU B 131 24.63 3.49 -6.85
CA LEU B 131 24.57 2.37 -5.92
C LEU B 131 23.52 1.35 -6.33
N TYR B 132 23.83 0.08 -6.12
CA TYR B 132 22.91 -1.03 -6.35
C TYR B 132 22.23 -1.42 -5.04
N TYR B 133 20.90 -1.33 -5.04
CA TYR B 133 20.13 -1.78 -3.88
C TYR B 133 20.29 -3.27 -3.69
N ARG B 134 20.44 -3.68 -2.43
CA ARG B 134 20.37 -5.11 -2.12
C ARG B 134 19.79 -5.29 -0.74
N ASN B 135 18.72 -6.07 -0.67
CA ASN B 135 18.10 -6.39 0.61
C ASN B 135 18.80 -7.61 1.20
N VAL B 136 19.25 -7.49 2.46
CA VAL B 136 20.02 -8.55 3.10
C VAL B 136 19.18 -9.77 3.50
N VAL B 137 17.85 -9.62 3.64
CA VAL B 137 17.02 -10.74 4.07
C VAL B 137 15.75 -10.94 3.28
N ILE B 138 15.17 -9.96 2.62
CA ILE B 138 13.88 -10.12 1.97
C ILE B 138 14.08 -10.50 0.51
N ASN B 139 13.40 -11.55 0.08
CA ASN B 139 13.50 -12.09 -1.29
C ASN B 139 12.44 -11.44 -2.19
N TRP B 140 12.62 -10.13 -2.45
CA TRP B 140 11.75 -9.40 -3.36
C TRP B 140 11.88 -9.91 -4.79
N GLY B 141 10.84 -9.67 -5.58
CA GLY B 141 10.80 -10.17 -6.93
C GLY B 141 11.66 -9.41 -7.92
N ASN B 142 11.71 -9.96 -9.13
CA ASN B 142 12.29 -9.39 -10.36
C ASN B 142 13.80 -9.45 -10.45
N TYR B 143 14.47 -10.23 -9.60
CA TYR B 143 15.88 -10.59 -9.79
C TYR B 143 15.92 -11.94 -10.48
N LYS B 144 16.30 -11.96 -11.76
CA LYS B 144 16.32 -13.23 -12.48
C LYS B 144 17.27 -14.24 -11.82
N ASN B 145 18.38 -13.77 -11.27
CA ASN B 145 19.34 -14.72 -10.70
C ASN B 145 18.84 -15.26 -9.38
N ASP B 146 18.12 -14.43 -8.60
CA ASP B 146 17.54 -14.94 -7.37
C ASP B 146 16.43 -15.94 -7.67
N ASP B 147 15.59 -15.67 -8.67
CA ASP B 147 14.53 -16.62 -9.03
C ASP B 147 15.13 -17.98 -9.40
N GLU B 148 16.21 -17.97 -10.16
CA GLU B 148 16.85 -19.23 -10.55
C GLU B 148 17.44 -19.94 -9.33
N PHE B 149 18.13 -19.20 -8.47
CA PHE B 149 18.76 -19.75 -7.27
C PHE B 149 17.72 -20.35 -6.33
N ILE B 150 16.62 -19.63 -6.10
CA ILE B 150 15.59 -20.11 -5.17
C ILE B 150 14.83 -21.29 -5.76
N SER B 151 14.57 -21.28 -7.08
CA SER B 151 13.94 -22.44 -7.70
C SER B 151 14.80 -23.69 -7.53
N LYS B 152 16.11 -23.57 -7.74
CA LYS B 152 17.00 -24.73 -7.61
C LYS B 152 17.20 -25.12 -6.16
N ASN B 153 17.12 -24.17 -5.23
CA ASN B 153 17.45 -24.40 -3.83
C ASN B 153 16.34 -23.86 -2.95
N PRO B 154 15.19 -24.53 -2.91
CA PRO B 154 14.09 -24.07 -2.06
C PRO B 154 14.47 -24.01 -0.58
N SER B 155 15.52 -24.74 -0.16
CA SER B 155 15.96 -24.66 1.21
C SER B 155 16.68 -23.36 1.51
N ALA B 156 16.90 -22.51 0.50
CA ALA B 156 17.50 -21.21 0.75
C ALA B 156 16.55 -20.24 1.44
N LEU B 157 15.26 -20.53 1.48
CA LEU B 157 14.29 -19.64 2.08
C LEU B 157 14.05 -19.98 3.54
N LEU B 158 13.77 -18.95 4.32
CA LEU B 158 13.62 -19.07 5.76
C LEU B 158 12.30 -19.73 6.16
N LYS B 159 12.39 -20.71 7.04
CA LYS B 159 11.25 -21.48 7.50
C LYS B 159 11.23 -21.49 9.02
N ASN B 160 10.03 -21.66 9.57
CA ASN B 160 9.87 -21.80 11.01
C ASN B 160 10.15 -23.24 11.43
N GLN B 161 9.89 -23.53 12.71
CA GLN B 161 10.24 -24.82 13.27
C GLN B 161 9.36 -25.95 12.74
N ASN B 162 8.24 -25.63 12.12
CA ASN B 162 7.38 -26.60 11.46
C ASN B 162 7.68 -26.71 9.99
N ASN B 163 8.77 -26.10 9.54
CA ASN B 163 9.21 -26.13 8.16
C ASN B 163 8.25 -25.40 7.22
N GLU B 164 7.53 -24.41 7.75
CA GLU B 164 6.68 -23.53 6.95
C GLU B 164 7.45 -22.27 6.61
N LEU B 165 7.31 -21.84 5.35
CA LEU B 165 7.80 -20.53 4.96
C LEU B 165 7.16 -19.45 5.81
N VAL B 166 7.93 -18.43 6.14
CA VAL B 166 7.43 -17.22 6.78
C VAL B 166 7.55 -16.05 5.79
N TYR B 167 6.72 -15.03 6.00
CA TYR B 167 6.52 -14.01 4.99
C TYR B 167 6.45 -12.60 5.56
N MET B 168 6.67 -11.64 4.67
CA MET B 168 6.36 -10.24 4.89
C MET B 168 4.86 -10.06 5.05
N PRO B 169 4.42 -8.85 5.40
CA PRO B 169 2.98 -8.64 5.62
C PRO B 169 2.12 -8.94 4.42
N ASN B 170 2.65 -8.92 3.20
CA ASN B 170 1.85 -9.27 2.03
C ASN B 170 1.52 -10.75 1.99
N GLY B 171 2.14 -11.57 2.85
CA GLY B 171 1.85 -12.99 2.92
C GLY B 171 2.42 -13.81 1.81
N SER B 172 3.25 -13.22 0.95
N SER B 172 3.26 -13.22 0.97
CA SER B 172 3.78 -13.93 -0.20
CA SER B 172 3.78 -13.91 -0.21
C SER B 172 5.27 -13.70 -0.44
C SER B 172 5.26 -13.68 -0.47
N THR B 173 5.86 -12.60 0.02
CA THR B 173 7.30 -12.38 -0.16
C THR B 173 8.04 -13.03 1.00
N PRO B 174 8.94 -13.99 0.73
CA PRO B 174 9.64 -14.72 1.80
C PRO B 174 11.01 -14.11 2.05
N PHE B 175 11.83 -14.79 2.87
CA PHE B 175 13.11 -14.28 3.31
C PHE B 175 14.21 -15.28 2.96
N PHE B 176 15.41 -14.77 2.70
CA PHE B 176 16.59 -15.62 2.62
C PHE B 176 16.95 -16.13 4.01
N ASP B 177 17.25 -17.42 4.11
CA ASP B 177 17.80 -17.97 5.36
C ASP B 177 19.30 -17.75 5.33
N ILE B 178 19.73 -16.59 5.81
CA ILE B 178 21.14 -16.24 5.76
C ILE B 178 21.97 -16.99 6.79
N THR B 179 21.34 -17.83 7.62
CA THR B 179 22.14 -18.68 8.49
C THR B 179 22.84 -19.79 7.73
N LYS B 180 22.43 -20.07 6.49
CA LYS B 180 23.03 -21.15 5.71
C LYS B 180 24.19 -20.61 4.89
N SER B 181 25.33 -21.29 4.96
CA SER B 181 26.53 -20.79 4.31
C SER B 181 26.32 -20.61 2.81
N PHE B 182 25.63 -21.54 2.13
CA PHE B 182 25.48 -21.41 0.68
C PHE B 182 24.65 -20.19 0.33
N VAL B 183 23.74 -19.81 1.22
CA VAL B 183 22.95 -18.59 0.99
C VAL B 183 23.81 -17.35 1.19
N GLN B 184 24.59 -17.33 2.27
CA GLN B 184 25.54 -16.23 2.47
C GLN B 184 26.42 -16.04 1.24
N GLU B 185 26.95 -17.13 0.70
CA GLU B 185 27.90 -17.03 -0.39
C GLU B 185 27.21 -16.57 -1.67
N TYR B 186 26.01 -17.08 -1.93
CA TYR B 186 25.24 -16.60 -3.08
C TYR B 186 24.99 -15.10 -2.96
N TRP B 187 24.54 -14.66 -1.79
CA TRP B 187 24.19 -13.26 -1.59
C TRP B 187 25.41 -12.37 -1.74
N LEU B 188 26.49 -12.69 -1.03
CA LEU B 188 27.71 -11.88 -1.10
C LEU B 188 28.22 -11.79 -2.53
N LYS B 189 28.27 -12.92 -3.24
CA LYS B 189 28.77 -12.89 -4.61
C LYS B 189 27.86 -12.06 -5.50
N SER B 190 26.54 -12.12 -5.27
CA SER B 190 25.65 -11.33 -6.10
C SER B 190 25.95 -9.85 -5.96
N VAL B 191 26.25 -9.41 -4.73
CA VAL B 191 26.58 -8.00 -4.50
C VAL B 191 27.94 -7.67 -5.11
N GLU B 192 28.94 -8.47 -4.80
CA GLU B 192 30.29 -8.23 -5.29
C GLU B 192 30.36 -8.25 -6.81
N ASP B 193 29.65 -9.18 -7.44
CA ASP B 193 29.64 -9.22 -8.89
C ASP B 193 29.03 -7.97 -9.50
N MET B 194 27.88 -7.50 -8.96
CA MET B 194 27.27 -6.29 -9.53
C MET B 194 28.14 -5.07 -9.29
N VAL B 195 28.70 -4.94 -8.08
CA VAL B 195 29.52 -3.77 -7.80
C VAL B 195 30.80 -3.78 -8.65
N ALA B 196 31.29 -4.95 -9.07
CA ALA B 196 32.49 -5.02 -9.89
C ALA B 196 32.26 -4.54 -11.31
N THR B 197 31.02 -4.43 -11.77
CA THR B 197 30.76 -3.94 -13.11
C THR B 197 31.13 -2.47 -13.21
N PRO B 198 31.44 -1.98 -14.42
CA PRO B 198 32.15 -0.70 -14.50
C PRO B 198 31.34 0.53 -14.15
N ASN B 199 30.02 0.48 -14.27
CA ASN B 199 29.17 1.65 -14.10
C ASN B 199 28.48 1.70 -12.74
N ILE B 200 28.81 0.79 -11.85
CA ILE B 200 28.26 0.74 -10.49
C ILE B 200 29.39 1.01 -9.51
N ASP B 201 29.13 1.89 -8.54
CA ASP B 201 30.16 2.32 -7.60
C ASP B 201 30.05 1.69 -6.23
N GLY B 202 28.92 1.05 -5.94
CA GLY B 202 28.73 0.54 -4.60
C GLY B 202 27.34 -0.02 -4.44
N THR B 203 26.97 -0.24 -3.19
CA THR B 203 25.72 -0.90 -2.85
C THR B 203 25.04 -0.18 -1.71
N PHE B 204 23.70 -0.32 -1.71
CA PHE B 204 22.80 0.16 -0.67
C PHE B 204 22.27 -1.10 0.01
N ILE B 205 22.67 -1.34 1.26
CA ILE B 205 22.24 -2.54 1.98
C ILE B 205 21.02 -2.21 2.82
N ASP B 206 19.93 -2.89 2.53
CA ASP B 206 18.65 -2.65 3.17
C ASP B 206 18.28 -3.83 4.09
N ALA B 207 17.45 -3.50 5.09
CA ALA B 207 16.81 -4.42 6.03
C ALA B 207 17.72 -4.85 7.18
N ASN B 208 18.81 -4.11 7.38
CA ASN B 208 19.65 -4.31 8.55
C ASN B 208 18.83 -4.31 9.83
N ILE B 209 17.85 -3.41 9.92
CA ILE B 209 17.13 -3.22 11.16
C ILE B 209 16.19 -4.38 11.42
N LYS B 210 15.67 -5.02 10.36
CA LYS B 210 14.87 -6.22 10.53
C LYS B 210 15.70 -7.36 11.13
N VAL B 211 17.00 -7.44 10.83
CA VAL B 211 17.84 -8.43 11.48
C VAL B 211 18.11 -8.05 12.93
N LEU B 212 18.35 -6.78 13.19
CA LEU B 212 18.95 -6.34 14.44
C LEU B 212 17.94 -6.07 15.53
N VAL B 213 16.67 -5.88 15.21
CA VAL B 213 15.61 -5.78 16.20
C VAL B 213 15.11 -7.20 16.47
N PRO B 214 15.39 -7.79 17.63
CA PRO B 214 15.16 -9.24 17.74
C PRO B 214 13.74 -9.69 17.48
N SER B 215 12.75 -8.88 17.85
CA SER B 215 11.37 -9.36 17.71
C SER B 215 10.95 -9.56 16.27
N PHE B 216 11.60 -8.87 15.30
CA PHE B 216 11.15 -9.00 13.92
C PHE B 216 11.19 -10.46 13.46
N PHE B 217 12.34 -11.12 13.61
CA PHE B 217 12.42 -12.54 13.25
C PHE B 217 12.06 -13.49 14.39
N SER B 218 12.32 -13.12 15.65
N SER B 218 12.32 -13.12 15.65
CA SER B 218 11.98 -14.08 16.71
CA SER B 218 11.97 -14.01 16.76
C SER B 218 10.48 -14.40 16.72
C SER B 218 10.49 -14.39 16.69
N SER B 219 9.64 -13.42 16.38
CA SER B 219 8.20 -13.65 16.31
C SER B 219 7.79 -14.54 15.14
N LYS B 220 8.69 -14.78 14.19
CA LYS B 220 8.41 -15.58 13.01
C LYS B 220 9.03 -16.98 13.08
N VAL B 221 10.26 -17.09 13.56
CA VAL B 221 11.04 -18.32 13.43
C VAL B 221 11.65 -18.76 14.74
N GLY B 222 11.39 -18.07 15.82
CA GLY B 222 11.85 -18.49 17.13
C GLY B 222 13.13 -17.78 17.52
N VAL B 223 13.41 -17.80 18.83
CA VAL B 223 14.50 -16.98 19.35
C VAL B 223 15.86 -17.53 18.91
N ASN B 224 16.01 -18.87 18.86
CA ASN B 224 17.32 -19.41 18.46
C ASN B 224 17.65 -19.00 17.05
N LYS B 225 16.67 -19.08 16.15
CA LYS B 225 16.93 -18.75 14.76
C LYS B 225 17.24 -17.27 14.57
N GLN B 226 16.58 -16.38 15.30
CA GLN B 226 16.91 -14.96 15.18
C GLN B 226 18.35 -14.70 15.57
N ALA B 227 18.80 -15.34 16.65
CA ALA B 227 20.17 -15.09 17.10
C ALA B 227 21.16 -15.55 16.04
N GLU B 228 20.84 -16.66 15.38
CA GLU B 228 21.69 -17.19 14.33
C GLU B 228 21.67 -16.29 13.10
N ILE B 229 20.50 -15.75 12.75
CA ILE B 229 20.39 -14.81 11.63
C ILE B 229 21.28 -13.59 11.90
N GLU B 230 21.23 -13.07 13.12
CA GLU B 230 22.04 -11.92 13.49
C GLU B 230 23.54 -12.22 13.40
N ASN B 231 23.96 -13.38 13.94
CA ASN B 231 25.37 -13.74 13.85
C ASN B 231 25.84 -13.81 12.41
N SER B 232 25.03 -14.44 11.55
CA SER B 232 25.40 -14.56 10.14
C SER B 232 25.43 -13.19 9.46
N TYR B 233 24.47 -12.33 9.80
CA TYR B 233 24.43 -10.97 9.26
C TYR B 233 25.74 -10.22 9.53
N PHE B 234 26.24 -10.28 10.78
CA PHE B 234 27.48 -9.58 11.08
C PHE B 234 28.65 -10.15 10.26
N SER B 235 28.69 -11.48 10.08
CA SER B 235 29.74 -12.09 9.26
C SER B 235 29.66 -11.58 7.83
N MET B 236 28.44 -11.48 7.29
CA MET B 236 28.26 -10.97 5.94
C MET B 236 28.68 -9.50 5.81
N MET B 237 28.34 -8.67 6.79
CA MET B 237 28.74 -7.27 6.71
C MET B 237 30.25 -7.11 6.83
N SER B 238 30.90 -7.93 7.66
CA SER B 238 32.35 -7.90 7.74
C SER B 238 32.97 -8.30 6.41
N ARG B 239 32.38 -9.29 5.73
CA ARG B 239 32.89 -9.69 4.42
C ARG B 239 32.79 -8.54 3.42
N LEU B 240 31.62 -7.89 3.35
CA LEU B 240 31.45 -6.82 2.38
C LEU B 240 32.35 -5.63 2.69
N LYS B 241 32.53 -5.32 3.98
CA LYS B 241 33.39 -4.21 4.34
C LYS B 241 34.76 -4.38 3.71
N GLU B 242 35.23 -5.60 3.66
CA GLU B 242 36.55 -5.84 3.07
C GLU B 242 36.49 -5.92 1.55
N SER B 243 35.54 -6.69 1.00
CA SER B 243 35.54 -6.87 -0.44
C SER B 243 35.18 -5.58 -1.18
N LEU B 244 34.38 -4.70 -0.57
CA LEU B 244 33.97 -3.45 -1.20
C LEU B 244 34.77 -2.26 -0.69
N SER B 245 35.99 -2.49 -0.20
CA SER B 245 36.78 -1.41 0.36
C SER B 245 37.22 -0.37 -0.67
N ASN B 246 37.14 -0.68 -1.96
CA ASN B 246 37.41 0.29 -3.01
C ASN B 246 36.14 0.82 -3.65
N ASN B 247 35.01 0.66 -2.95
CA ASN B 247 33.70 1.05 -3.40
C ASN B 247 32.97 1.67 -2.22
N LEU B 248 31.69 1.96 -2.42
CA LEU B 248 30.84 2.55 -1.38
C LEU B 248 29.81 1.55 -0.85
N ILE B 249 29.62 1.56 0.46
CA ILE B 249 28.56 0.79 1.10
C ILE B 249 27.72 1.77 1.92
N LEU B 250 26.47 1.97 1.51
CA LEU B 250 25.51 2.79 2.24
C LEU B 250 24.46 1.87 2.84
N ALA B 251 24.08 2.06 4.11
CA ALA B 251 23.13 1.17 4.74
C ALA B 251 21.95 1.92 5.34
N ASN B 252 20.78 1.30 5.33
CA ASN B 252 19.59 1.82 6.01
C ASN B 252 19.74 1.38 7.46
N ILE B 253 20.40 2.23 8.28
CA ILE B 253 20.82 1.80 9.62
C ILE B 253 20.55 2.78 10.75
N ILE B 254 20.79 4.07 10.56
CA ILE B 254 20.50 5.01 11.64
C ILE B 254 18.98 5.16 11.78
N ARG B 255 18.49 4.97 13.00
CA ARG B 255 17.06 4.91 13.26
C ARG B 255 16.85 4.95 14.77
N VAL B 256 15.95 5.81 15.21
CA VAL B 256 15.60 5.81 16.63
C VAL B 256 14.90 4.49 16.95
N ARG B 257 15.44 3.76 17.92
CA ARG B 257 14.95 2.43 18.30
C ARG B 257 15.20 2.24 19.79
N PRO B 258 14.24 1.75 20.56
CA PRO B 258 14.56 1.43 21.98
C PRO B 258 15.63 0.38 22.13
N GLU B 259 15.78 -0.50 21.15
CA GLU B 259 16.76 -1.57 21.19
C GLU B 259 18.19 -1.08 20.94
N PHE B 260 18.35 0.11 20.39
CA PHE B 260 19.66 0.64 19.98
C PHE B 260 19.98 1.83 20.89
N GLU B 261 20.86 1.63 21.88
CA GLU B 261 21.21 2.73 22.76
C GLU B 261 21.77 3.93 22.01
N GLU B 262 22.44 3.71 20.88
CA GLU B 262 22.95 4.81 20.06
C GLU B 262 22.18 5.01 18.77
N ASN B 263 20.97 4.45 18.67
CA ASN B 263 20.08 4.72 17.54
C ASN B 263 20.73 4.41 16.20
N GLY B 264 21.52 3.32 16.18
CA GLY B 264 22.12 2.78 14.97
C GLY B 264 23.58 3.11 14.78
N LEU B 265 24.12 4.12 15.48
CA LEU B 265 25.54 4.43 15.35
C LEU B 265 26.41 3.25 15.74
N GLU B 266 25.93 2.40 16.63
CA GLU B 266 26.75 1.29 17.07
C GLU B 266 27.01 0.27 15.96
N TYR B 267 26.33 0.37 14.82
CA TYR B 267 26.53 -0.52 13.69
C TYR B 267 27.17 0.17 12.51
N LEU B 268 27.39 1.47 12.60
CA LEU B 268 27.80 2.24 11.44
C LEU B 268 29.23 1.95 11.00
N GLY B 269 30.05 1.32 11.85
CA GLY B 269 31.42 1.01 11.48
C GLY B 269 31.55 0.06 10.31
N TYR B 270 30.49 -0.67 9.95
CA TYR B 270 30.57 -1.55 8.81
C TYR B 270 30.47 -0.81 7.48
N PHE B 271 30.04 0.44 7.48
CA PHE B 271 29.53 1.09 6.29
C PHE B 271 30.19 2.44 6.09
N ASN B 272 30.09 2.96 4.87
CA ASN B 272 30.57 4.31 4.59
C ASN B 272 29.55 5.38 4.95
N GLY B 273 28.31 4.99 5.23
CA GLY B 273 27.32 5.96 5.61
C GLY B 273 25.98 5.30 5.82
N SER B 274 25.02 6.14 6.21
CA SER B 274 23.64 5.69 6.40
C SER B 274 22.65 6.49 5.56
N TYR B 275 21.69 5.77 5.01
CA TYR B 275 20.43 6.32 4.55
C TYR B 275 19.50 6.42 5.76
N LEU B 276 18.65 7.44 5.73
CA LEU B 276 17.68 7.66 6.79
C LEU B 276 16.27 7.61 6.23
N GLU B 277 15.40 6.83 6.89
CA GLU B 277 13.96 6.89 6.67
C GLU B 277 13.27 6.74 8.02
N GLY B 278 11.95 6.92 8.01
CA GLY B 278 11.23 6.99 9.26
C GLY B 278 11.70 8.08 10.16
N PHE B 279 12.34 9.11 9.60
CA PHE B 279 13.10 10.04 10.42
C PHE B 279 12.19 10.97 11.21
N ASP B 280 11.01 11.29 10.68
CA ASP B 280 10.04 12.15 11.33
C ASP B 280 8.77 11.39 11.69
N SER B 281 8.86 10.07 11.76
CA SER B 281 7.71 9.21 12.04
C SER B 281 7.91 8.58 13.42
N GLU B 282 7.36 9.22 14.44
CA GLU B 282 7.62 8.77 15.80
C GLU B 282 6.93 7.46 16.11
N ALA B 283 7.45 6.80 17.13
CA ALA B 283 6.96 5.51 17.61
C ALA B 283 7.34 5.40 19.08
N PHE B 284 6.99 4.26 19.67
CA PHE B 284 7.44 3.89 21.02
C PHE B 284 6.88 4.80 22.10
N GLY B 285 5.79 5.53 21.81
CA GLY B 285 5.24 6.47 22.75
C GLY B 285 5.98 7.80 22.84
N MET B 286 6.96 8.03 21.96
CA MET B 286 7.74 9.25 22.00
C MET B 286 6.98 10.35 21.29
N SER B 287 7.20 11.59 21.74
CA SER B 287 6.69 12.72 20.99
C SER B 287 7.43 12.84 19.66
N ASN B 288 6.75 13.44 18.68
CA ASN B 288 7.40 13.70 17.40
C ASN B 288 8.66 14.52 17.60
N ALA B 289 8.61 15.56 18.43
CA ALA B 289 9.76 16.43 18.61
C ALA B 289 10.92 15.69 19.27
N GLU B 290 10.67 14.91 20.33
CA GLU B 290 11.78 14.22 20.99
C GLU B 290 12.37 13.12 20.12
N TYR B 291 11.52 12.45 19.35
CA TYR B 291 11.98 11.46 18.37
C TYR B 291 12.91 12.10 17.35
N LEU B 292 12.54 13.28 16.85
CA LEU B 292 13.41 13.98 15.92
C LEU B 292 14.69 14.46 16.61
N VAL B 293 14.61 14.92 17.86
CA VAL B 293 15.83 15.32 18.56
C VAL B 293 16.85 14.18 18.58
N GLU B 294 16.38 12.96 18.86
CA GLU B 294 17.30 11.84 18.97
C GLU B 294 17.86 11.48 17.60
N GLY B 295 17.04 11.51 16.56
CA GLY B 295 17.53 11.23 15.22
C GLY B 295 18.50 12.28 14.74
N ILE B 296 18.23 13.55 15.05
CA ILE B 296 19.15 14.64 14.71
C ILE B 296 20.49 14.44 15.39
N GLU B 297 20.48 14.07 16.68
CA GLU B 297 21.73 13.86 17.41
C GLU B 297 22.55 12.72 16.77
N ALA B 298 21.89 11.63 16.41
CA ALA B 298 22.61 10.51 15.79
C ALA B 298 23.19 10.95 14.45
N THR B 299 22.40 11.67 13.65
CA THR B 299 22.82 12.06 12.31
C THR B 299 23.97 13.05 12.37
N GLN B 300 23.88 14.02 13.29
CA GLN B 300 24.98 14.98 13.46
C GLN B 300 26.28 14.26 13.79
N LYS B 301 26.22 13.30 14.71
CA LYS B 301 27.43 12.57 15.11
C LYS B 301 28.02 11.83 13.92
N ALA B 302 27.16 11.14 13.16
CA ALA B 302 27.64 10.38 12.02
C ALA B 302 28.25 11.30 10.97
N ALA B 303 27.52 12.35 10.60
CA ALA B 303 28.01 13.26 9.56
C ALA B 303 29.32 13.93 9.98
N GLN B 304 29.40 14.35 11.26
CA GLN B 304 30.62 15.00 11.73
C GLN B 304 31.81 14.06 11.72
N SER B 305 31.58 12.75 11.77
CA SER B 305 32.65 11.77 11.70
C SER B 305 33.11 11.48 10.28
N GLY B 306 32.46 12.04 9.28
CA GLY B 306 32.85 11.81 7.91
C GLY B 306 32.05 10.74 7.19
N LYS B 307 30.99 10.24 7.80
CA LYS B 307 30.12 9.26 7.14
C LYS B 307 29.16 9.96 6.20
N ILE B 308 28.86 9.29 5.08
CA ILE B 308 27.84 9.76 4.15
C ILE B 308 26.48 9.68 4.83
N ILE B 309 25.65 10.70 4.63
CA ILE B 309 24.24 10.66 5.04
C ILE B 309 23.37 10.92 3.83
N THR B 310 22.36 10.08 3.62
CA THR B 310 21.33 10.33 2.61
C THR B 310 19.99 10.39 3.35
N MET B 311 19.59 11.60 3.69
CA MET B 311 18.34 11.85 4.35
C MET B 311 17.15 11.83 3.41
N THR B 312 16.21 10.91 3.62
CA THR B 312 14.95 10.92 2.86
C THR B 312 13.84 11.36 3.80
N LEU B 313 12.97 12.23 3.30
CA LEU B 313 11.83 12.76 4.04
C LEU B 313 10.66 12.81 3.08
N GLY B 314 9.52 12.25 3.51
CA GLY B 314 8.37 12.20 2.65
C GLY B 314 7.59 13.50 2.63
N LEU B 315 7.18 13.91 1.43
CA LEU B 315 6.19 14.94 1.15
C LEU B 315 4.82 14.34 0.80
N GLY B 316 4.69 13.02 0.79
CA GLY B 316 3.46 12.39 0.33
C GLY B 316 2.22 12.90 1.03
N GLU B 317 2.31 13.17 2.34
CA GLU B 317 1.15 13.61 3.08
C GLU B 317 0.78 15.07 2.80
N ALA B 318 1.76 15.92 2.53
CA ALA B 318 1.47 17.31 2.17
C ALA B 318 1.04 17.45 0.71
N ILE B 319 1.35 16.45 -0.11
CA ILE B 319 0.96 16.41 -1.52
C ILE B 319 -0.40 15.75 -1.73
N ASP B 320 -0.74 14.75 -0.93
CA ASP B 320 -1.98 14.03 -1.15
C ASP B 320 -3.15 15.02 -1.13
N ASN B 321 -4.10 14.81 -2.05
CA ASN B 321 -5.20 15.76 -2.22
C ASN B 321 -6.56 15.06 -2.36
N ASN B 322 -6.68 13.82 -1.88
CA ASN B 322 -7.94 13.08 -1.88
C ASN B 322 -8.49 12.85 -3.29
N THR B 323 -7.60 12.63 -4.26
CA THR B 323 -7.99 12.29 -5.62
C THR B 323 -7.02 11.23 -6.13
N GLY B 324 -7.41 10.56 -7.22
CA GLY B 324 -6.54 9.63 -7.90
C GLY B 324 -6.86 8.17 -7.73
N ILE B 325 -7.83 7.82 -6.88
CA ILE B 325 -8.18 6.41 -6.66
C ILE B 325 -9.24 5.96 -7.65
N ASP B 326 -10.35 6.70 -7.72
CA ASP B 326 -11.45 6.42 -8.64
C ASP B 326 -11.70 7.60 -9.56
N ASP B 327 -10.81 8.58 -9.57
CA ASP B 327 -10.92 9.76 -10.41
C ASP B 327 -9.51 10.19 -10.79
N GLN B 328 -9.43 11.20 -11.66
CA GLN B 328 -8.13 11.74 -12.04
C GLN B 328 -7.43 12.32 -10.80
N ARG B 329 -6.13 12.08 -10.72
CA ARG B 329 -5.31 12.68 -9.68
C ARG B 329 -5.07 14.13 -10.05
N GLU B 330 -5.58 15.04 -9.23
CA GLU B 330 -5.45 16.46 -9.52
C GLU B 330 -4.01 16.94 -9.33
N ASP B 331 -3.59 17.90 -10.15
CA ASP B 331 -2.26 18.47 -10.05
C ASP B 331 -2.03 19.03 -8.65
N VAL B 332 -0.84 18.81 -8.10
CA VAL B 332 -0.41 19.54 -6.93
C VAL B 332 0.33 20.78 -7.42
N ASP B 333 -0.07 21.95 -6.94
CA ASP B 333 0.61 23.17 -7.34
C ASP B 333 1.98 23.17 -6.67
N LEU B 334 3.02 22.90 -7.45
CA LEU B 334 4.36 22.81 -6.89
C LEU B 334 4.90 24.16 -6.43
N ASN B 335 4.23 25.26 -6.79
CA ASN B 335 4.62 26.59 -6.33
C ASN B 335 3.75 27.06 -5.16
N ASP B 336 2.89 26.19 -4.64
CA ASP B 336 1.95 26.59 -3.59
C ASP B 336 2.71 27.06 -2.35
N GLU B 337 2.15 28.06 -1.68
CA GLU B 337 2.81 28.59 -0.48
C GLU B 337 2.88 27.55 0.64
N GLU B 338 1.81 26.78 0.84
CA GLU B 338 1.82 25.80 1.92
C GLU B 338 2.80 24.66 1.63
N LEU B 339 2.82 24.18 0.39
CA LEU B 339 3.77 23.12 0.09
C LEU B 339 5.19 23.63 0.29
N ASN B 340 5.45 24.88 -0.08
CA ASN B 340 6.79 25.40 0.05
C ASN B 340 7.20 25.63 1.50
N LYS B 341 6.25 25.93 2.38
CA LYS B 341 6.56 25.95 3.81
C LYS B 341 6.95 24.57 4.31
N ARG B 342 6.30 23.52 3.80
CA ARG B 342 6.66 22.15 4.16
C ARG B 342 8.06 21.80 3.67
N VAL B 343 8.37 22.17 2.43
CA VAL B 343 9.70 21.95 1.91
C VAL B 343 10.72 22.67 2.78
N ASP B 344 10.43 23.92 3.17
CA ASP B 344 11.34 24.66 4.03
C ASP B 344 11.60 23.90 5.32
N TYR B 345 10.54 23.37 5.93
CA TYR B 345 10.67 22.67 7.20
C TYR B 345 11.56 21.42 7.05
N LEU B 346 11.28 20.61 6.03
CA LEU B 346 12.04 19.36 5.86
C LEU B 346 13.49 19.66 5.51
N LEU B 347 13.73 20.66 4.66
CA LEU B 347 15.10 21.03 4.37
C LEU B 347 15.80 21.59 5.60
N ALA B 348 15.07 22.29 6.46
CA ALA B 348 15.69 22.79 7.69
C ALA B 348 16.15 21.65 8.59
N ILE B 349 15.35 20.61 8.74
CA ILE B 349 15.80 19.44 9.49
C ILE B 349 17.11 18.93 8.91
N PHE B 350 17.14 18.74 7.59
CA PHE B 350 18.36 18.26 6.94
C PHE B 350 19.53 19.21 7.21
N LEU B 351 19.34 20.51 7.02
CA LEU B 351 20.45 21.44 7.12
C LEU B 351 20.98 21.57 8.54
N ILE B 352 20.13 21.34 9.54
CA ILE B 352 20.58 21.33 10.93
C ILE B 352 21.54 20.18 11.18
N CYS B 353 21.45 19.12 10.37
CA CYS B 353 22.29 17.94 10.53
C CYS B 353 23.49 17.91 9.61
N ALA B 354 23.42 18.53 8.44
CA ALA B 354 24.28 18.20 7.33
C ALA B 354 25.74 18.56 7.55
N GLU B 355 26.60 17.72 6.99
CA GLU B 355 28.03 18.02 6.83
C GLU B 355 28.43 17.67 5.40
N LYS B 356 29.71 17.82 5.06
CA LYS B 356 30.18 17.34 3.78
C LYS B 356 29.74 15.89 3.61
N TYR B 357 29.21 15.57 2.44
CA TYR B 357 28.74 14.24 2.07
C TYR B 357 27.39 13.88 2.69
N SER B 358 26.62 14.89 3.10
CA SER B 358 25.21 14.75 3.44
C SER B 358 24.38 15.21 2.25
N TYR B 359 23.34 14.44 1.91
CA TYR B 359 22.51 14.68 0.76
C TYR B 359 21.05 14.42 1.14
N VAL B 360 20.12 15.15 0.52
CA VAL B 360 18.70 15.09 0.89
C VAL B 360 17.82 14.73 -0.30
N TYR B 361 16.75 14.00 -0.01
CA TYR B 361 15.69 13.71 -0.98
C TYR B 361 14.33 13.88 -0.30
N LEU B 362 13.59 14.90 -0.73
CA LEU B 362 12.19 15.08 -0.35
C LEU B 362 11.32 14.44 -1.43
N HIS B 363 10.61 13.39 -1.08
CA HIS B 363 10.08 12.49 -2.11
C HIS B 363 8.58 12.28 -2.00
N ASP B 364 8.03 11.77 -3.09
CA ASP B 364 6.65 11.28 -3.17
C ASP B 364 6.75 9.83 -3.63
N GLY B 365 7.48 9.02 -2.87
CA GLY B 365 7.70 7.63 -3.22
C GLY B 365 8.86 7.46 -4.19
N TYR B 366 9.37 6.23 -4.26
CA TYR B 366 10.55 5.96 -5.05
C TYR B 366 10.23 5.50 -6.47
N LEU B 367 8.98 5.20 -6.79
CA LEU B 367 8.59 4.85 -8.15
C LEU B 367 8.43 6.12 -8.98
N ALA B 368 9.25 6.27 -10.02
CA ALA B 368 9.29 7.51 -10.77
C ALA B 368 7.93 7.87 -11.35
N THR B 369 7.21 6.89 -11.91
CA THR B 369 5.98 7.14 -12.63
C THR B 369 4.79 7.45 -11.71
N ASN B 370 4.96 7.37 -10.39
CA ASN B 370 3.89 7.68 -9.46
C ASN B 370 4.23 8.82 -8.52
N SER B 371 5.32 9.55 -8.78
CA SER B 371 5.77 10.63 -7.92
C SER B 371 5.46 11.99 -8.51
N ALA B 372 4.79 12.84 -7.73
CA ALA B 372 4.48 14.18 -8.18
C ALA B 372 5.69 15.10 -8.23
N VAL B 373 6.83 14.71 -7.67
CA VAL B 373 8.03 15.53 -7.70
C VAL B 373 9.08 14.99 -8.64
N TRP B 374 8.78 13.93 -9.37
CA TRP B 374 9.71 13.42 -10.36
C TRP B 374 10.03 14.49 -11.38
N LEU B 375 11.31 14.69 -11.65
CA LEU B 375 11.85 15.67 -12.58
C LEU B 375 11.78 17.10 -12.06
N HIS B 376 11.33 17.33 -10.85
CA HIS B 376 11.09 18.67 -10.38
C HIS B 376 12.21 19.22 -9.52
N GLN B 377 12.54 20.48 -9.72
CA GLN B 377 13.49 21.19 -8.89
C GLN B 377 12.76 22.29 -8.13
N PHE B 378 12.62 22.14 -6.81
CA PHE B 378 12.10 23.23 -6.00
C PHE B 378 13.06 24.42 -6.05
N ASP B 379 12.52 25.63 -5.87
CA ASP B 379 13.35 26.82 -5.87
C ASP B 379 14.43 26.75 -4.79
N GLN B 380 14.11 26.10 -3.68
CA GLN B 380 15.06 25.94 -2.58
C GLN B 380 16.28 25.13 -2.97
N TYR B 381 16.24 24.39 -4.08
CA TYR B 381 17.37 23.61 -4.54
C TYR B 381 18.30 24.43 -5.44
N LYS B 382 17.85 25.60 -5.90
CA LYS B 382 18.60 26.41 -6.85
C LYS B 382 19.27 27.59 -6.19
N LYS B 383 18.80 28.01 -5.03
CA LYS B 383 19.33 29.20 -4.38
C LYS B 383 20.69 28.93 -3.76
N ALA B 384 21.52 29.97 -3.70
CA ALA B 384 22.84 29.83 -3.14
C ALA B 384 22.72 29.44 -1.67
N LEU B 385 23.47 28.40 -1.28
CA LEU B 385 23.47 27.90 0.08
C LEU B 385 24.77 28.29 0.77
N GLY B 386 25.90 27.76 0.32
CA GLY B 386 27.17 28.08 0.92
C GLY B 386 27.51 27.20 2.10
N ALA B 387 28.78 27.23 2.49
CA ALA B 387 29.25 26.37 3.55
C ALA B 387 28.69 26.81 4.90
N PRO B 388 28.51 25.88 5.83
CA PRO B 388 28.08 26.25 7.17
C PRO B 388 29.15 27.10 7.84
N LEU B 389 28.70 28.09 8.58
CA LEU B 389 29.60 28.94 9.37
C LEU B 389 29.69 28.49 10.82
N GLY B 390 28.93 27.47 11.20
CA GLY B 390 29.07 26.83 12.50
C GLY B 390 28.08 25.70 12.62
N LYS B 391 28.28 24.87 13.65
CA LYS B 391 27.33 23.82 13.94
C LYS B 391 25.97 24.41 14.33
N ALA B 392 24.95 23.60 14.18
CA ALA B 392 23.63 24.02 14.62
C ALA B 392 23.64 24.26 16.12
N ILE B 393 22.82 25.22 16.56
CA ILE B 393 22.61 25.51 17.97
C ILE B 393 21.21 25.08 18.34
N LYS B 394 21.09 24.28 19.39
CA LYS B 394 19.81 23.80 19.89
C LYS B 394 19.39 24.57 21.13
N ASN B 395 18.22 25.17 21.10
CA ASN B 395 17.64 25.88 22.24
C ASN B 395 16.23 25.32 22.42
N GLY B 396 16.11 24.32 23.26
CA GLY B 396 14.85 23.61 23.36
C GLY B 396 14.62 22.81 22.09
N TYR B 397 13.45 23.03 21.48
CA TYR B 397 13.11 22.38 20.21
C TYR B 397 13.33 23.31 19.03
N ILE B 398 13.96 24.45 19.25
CA ILE B 398 14.26 25.42 18.20
C ILE B 398 15.75 25.34 17.91
N TYR B 399 16.08 25.11 16.66
CA TYR B 399 17.46 25.03 16.22
C TYR B 399 17.73 26.16 15.24
N THR B 400 18.95 26.70 15.27
CA THR B 400 19.41 27.66 14.27
C THR B 400 20.73 27.21 13.68
N ARG B 401 20.98 27.61 12.45
CA ARG B 401 22.28 27.39 11.83
C ARG B 401 22.52 28.42 10.74
N LYS B 402 23.76 28.87 10.61
CA LYS B 402 24.13 29.87 9.61
C LYS B 402 25.02 29.23 8.56
N PHE B 403 24.71 29.50 7.30
CA PHE B 403 25.52 29.17 6.14
C PHE B 403 25.91 30.48 5.46
N GLU B 404 26.86 30.40 4.52
CA GLU B 404 27.36 31.62 3.87
C GLU B 404 26.22 32.44 3.28
N ASN B 405 25.23 31.78 2.69
CA ASN B 405 24.15 32.46 1.97
C ASN B 405 22.77 32.12 2.52
N LEU B 406 22.67 31.64 3.75
CA LEU B 406 21.38 31.22 4.28
C LEU B 406 21.42 31.18 5.80
N ASP B 407 20.35 31.63 6.42
CA ASP B 407 20.12 31.42 7.84
C ASP B 407 18.91 30.53 8.03
N VAL B 408 19.05 29.51 8.88
CA VAL B 408 18.01 28.54 9.15
C VAL B 408 17.48 28.72 10.56
N TRP B 409 16.16 28.71 10.68
N TRP B 409 16.16 28.78 10.68
CA TRP B 409 15.47 28.70 11.95
CA TRP B 409 15.46 28.71 11.95
C TRP B 409 14.43 27.60 11.89
C TRP B 409 14.49 27.54 11.84
N LEU B 410 14.49 26.65 12.83
CA LEU B 410 13.66 25.45 12.83
C LEU B 410 12.97 25.30 14.17
N ASN B 411 11.66 25.08 14.18
CA ASN B 411 10.93 24.75 15.41
C ASN B 411 10.26 23.40 15.26
N LEU B 412 10.81 22.37 15.92
CA LEU B 412 10.23 21.03 15.80
C LEU B 412 8.84 20.99 16.40
N GLU B 413 8.58 21.81 17.42
CA GLU B 413 7.31 21.71 18.13
C GLU B 413 6.14 22.11 17.25
N THR B 414 6.32 23.16 16.44
CA THR B 414 5.27 23.63 15.54
C THR B 414 5.41 23.07 14.14
N GLN B 415 6.49 22.33 13.88
CA GLN B 415 6.79 21.81 12.55
C GLN B 415 6.85 22.93 11.52
N THR B 416 7.55 24.00 11.88
CA THR B 416 7.75 25.10 10.96
C THR B 416 9.21 25.51 10.94
N ALA B 417 9.60 26.11 9.82
CA ALA B 417 10.94 26.60 9.67
C ALA B 417 10.92 27.87 8.84
N THR B 418 11.96 28.67 9.00
CA THR B 418 12.19 29.88 8.23
C THR B 418 13.57 29.77 7.60
N LEU B 419 13.61 29.81 6.28
CA LEU B 419 14.86 29.87 5.54
C LEU B 419 15.04 31.29 5.02
N THR B 420 16.05 31.99 5.53
CA THR B 420 16.36 33.36 5.12
C THR B 420 17.53 33.33 4.17
N TRP B 421 17.23 33.32 2.88
CA TRP B 421 18.25 33.27 1.86
C TRP B 421 18.86 34.65 1.66
N LYS B 422 20.15 34.68 1.42
CA LYS B 422 20.91 35.91 1.21
C LYS B 422 21.43 35.97 -0.23
#